data_7UXA
#
_entry.id   7UXA
#
_cell.length_a   1.00
_cell.length_b   1.00
_cell.length_c   1.00
_cell.angle_alpha   90.00
_cell.angle_beta   90.00
_cell.angle_gamma   90.00
#
_symmetry.space_group_name_H-M   'P 1'
#
loop_
_entity.id
_entity.type
_entity.pdbx_description
1 polymer 'tRNA-splicing endonuclease subunit Sen34'
2 polymer 'tRNA-splicing endonuclease subunit Sen15'
3 polymer 'tRNA-splicing endonuclease subunit Sen2'
4 polymer 'tRNA-splicing endonuclease subunit Sen54'
5 polymer 'RNA (78-MER)'
6 non-polymer 'MAGNESIUM ION'
#
loop_
_entity_poly.entity_id
_entity_poly.type
_entity_poly.pdbx_seq_one_letter_code
_entity_poly.pdbx_strand_id
1 'polypeptide(L)'
;MASWSHPQFEKGGGARGGSGGGSWSHPQFEKGFDYKDDDDKGTMLVVEVANGRSLVWGAEAVQALRERLGVGGRTVGALP
RGPRQNSRLGLPLLLMPEEARLLAEIGAVTLVSAPRPDSRHHSLALTSFKRQQEESFQEQSALAAEARETRRQELLEKIT
EGQAAKKQKLEQASGASSSQEAGSSQAAKEDETSDGQASGEQEEAGPSSSQAGPSNGVAPLPRSALLVQLATARPRPVKA
RPLDWRVQSKDWPHAGRPAHELRYSIYRDLWERGFFLSAAGKFGGDFLVAPGDPLRFAAHYIAQCWAPEDTIPLQDLVAA
GRLGTSVRATLLLCSPQPDGKVVYTSLQWASL
;
A
2 'polypeptide(L)'
;MEERGDSEPTPGCSGLGPGGVRGFGDGGGAPSWAPEDAWMGTHPKYLEMMELDIGDATQVYVAFLVYLDLMESKSWHEVN
CVGLPELQLICLVGTEIEGEGLQTVVPTPITASLSHNRIREILKASRKLQGDPDLPMSFTLAIVESDSTIVYYKLTDGFM
LPDPQNISLRRGPEQKLISEEDL
;
B
3 'polypeptide(L)'
;MAEAVFHAPKRKRRVYETYESPLPIPFGQDHGPLKEFKIFRAEMINNNVIVRNAEDIEQLYGKGYFGKGILSRSRPSFTI
SDPKLVAKWKDMKTNMPIITSKRYQHSVEWAAELMRRQGQDESTVRRILKDYTKPLEHPPVKRNEEAQVHDKLNSGMVSN
MEGTAGGERPSVVNGDSGKSGGVGDPREPLGCLQEGSGCHPTTESFEKSVREDASPLPHVCCCKQDALILQRGLHHEDGS
QHIGLLHPGDRGPDHEYVLVEEAECAMSEREAAPNEELVQRNRLICRRNPYRIFEYLQLSLEEAFFLVYALGCLSIYYEK
EPLTIVKLWKAFTVVQPTFRTTYMAYHYFRSKGWVPKVGLKYGTDLLLARKGPPFYAASYSVIIELVDDHFEGSLRRPLS
WKSLAALSRVSVNVSAELMLCYLIKPSTMTDKEMESPECMKRIKVQEVILSRWVSSRERSDQDDLDYKDDDDKGFWSHPQ
FEK
;
C
4 'polypeptide(L)'
;MEPEPEPAAVEVPAGRVLSARELFAARSRSQKLPQRSHGPKDFLPDGSAAQAERLRRCREELWQLLAEQRVERLGSLVAA
EWRPEEGFVELKSPAGKFWQTMGFSEQGRQRLHPEEALYLLECGSIHLFHQDLPLSIQEAYQLLLTDHTVTFLQYQVFSH
LKRLGYVVRRFQPSSVLSPYERQLNLDASVQHLEDGDGKRKRSSSSPRSINKKAKALDNSLQPKSLAASSPPPCSQPSQC
PEEKPQESSPMKGPGGPFQLLGSLGPSPGPAREGVGCSWESGRAENGVTGAGKRRWNFEQISFPNMASDSRHTLLRAPAP
ELLPANVAGRETDAESWCQKLNQRKEKLSRREREHHAEAAQFQEDVNADPEVQRCSSWREYKELLQRRQVQRSQRRAPHL
WGQPVTPLLSPGQASSPAVVLQHISVLQTTHLPDGGARLLEKSGGLEIIFDVYQADAVATFRKNNPGKPYARMCISGFDE
PVPDLCSLKRLSYQSGDVPLIFALVDHGDISFYSFRDFTLPQDVGHQAYVEQKLISEEDLNSAVDHHHHHH
;
D
5 'polyribonucleotide'
;GGCUCUGUGGCGCAAUGGAUAGCGCAUUGGACUUCUAGUGACGAAUAGAGCAAUUCAAAGGUUGUGGGUUCGAAUCCCAC
CAGAGUCG
;
E
#
loop_
_chem_comp.id
_chem_comp.type
_chem_comp.name
_chem_comp.formula
A RNA linking ADENOSINE-5'-MONOPHOSPHATE 'C10 H14 N5 O7 P'
C RNA linking CYTIDINE-5'-MONOPHOSPHATE 'C9 H14 N3 O8 P'
G RNA linking GUANOSINE-5'-MONOPHOSPHATE 'C10 H14 N5 O8 P'
MG non-polymer 'MAGNESIUM ION' 'Mg 2'
U RNA linking URIDINE-5'-MONOPHOSPHATE 'C9 H13 N2 O9 P'
#
# COMPACT_ATOMS: atom_id res chain seq x y z
N MET A 44 5.12 -14.35 32.75
CA MET A 44 4.63 -13.77 31.52
C MET A 44 5.74 -13.03 30.79
N LEU A 45 5.59 -12.89 29.47
CA LEU A 45 6.57 -12.19 28.66
C LEU A 45 6.41 -10.68 28.81
N VAL A 46 7.40 -9.95 28.31
CA VAL A 46 7.41 -8.50 28.36
C VAL A 46 7.60 -7.95 26.96
N VAL A 47 6.92 -6.84 26.69
CA VAL A 47 7.02 -6.15 25.41
C VAL A 47 7.31 -4.68 25.70
N GLU A 48 8.32 -4.13 25.02
CA GLU A 48 8.73 -2.76 25.25
C GLU A 48 7.90 -1.84 24.36
N VAL A 49 7.10 -0.99 24.98
CA VAL A 49 6.19 -0.09 24.28
C VAL A 49 6.66 1.33 24.54
N ALA A 50 7.24 1.95 23.53
CA ALA A 50 7.71 3.33 23.60
C ALA A 50 7.19 4.10 22.40
N ASN A 51 6.52 5.23 22.67
CA ASN A 51 5.95 6.07 21.62
C ASN A 51 5.02 5.28 20.70
N GLY A 52 4.26 4.35 21.26
CA GLY A 52 3.36 3.55 20.46
C GLY A 52 4.02 2.43 19.70
N ARG A 53 5.32 2.26 19.82
CA ARG A 53 6.04 1.18 19.16
C ARG A 53 6.22 0.02 20.13
N SER A 54 5.81 -1.16 19.69
CA SER A 54 5.88 -2.37 20.49
C SER A 54 6.98 -3.27 19.92
N LEU A 55 8.00 -3.54 20.72
CA LEU A 55 9.14 -4.31 20.29
C LEU A 55 9.41 -5.45 21.27
N VAL A 56 9.95 -6.54 20.74
CA VAL A 56 10.32 -7.72 21.51
C VAL A 56 11.80 -7.94 21.27
N TRP A 57 12.59 -7.89 22.34
CA TRP A 57 14.05 -7.92 22.21
C TRP A 57 14.62 -9.34 22.38
N GLY A 58 14.17 -10.06 23.39
CA GLY A 58 14.69 -11.40 23.63
C GLY A 58 14.20 -12.42 22.62
N ALA A 59 15.11 -13.23 22.09
CA ALA A 59 14.73 -14.24 21.12
C ALA A 59 13.84 -15.33 21.69
N GLU A 60 13.94 -15.61 22.99
CA GLU A 60 13.07 -16.59 23.61
C GLU A 60 11.61 -16.16 23.53
N ALA A 61 11.34 -14.87 23.74
CA ALA A 61 10.00 -14.36 23.58
C ALA A 61 9.51 -14.46 22.14
N VAL A 62 10.39 -14.23 21.17
CA VAL A 62 10.00 -14.41 19.78
C VAL A 62 9.62 -15.85 19.50
N GLN A 63 10.41 -16.81 20.01
CA GLN A 63 10.05 -18.21 19.84
C GLN A 63 8.73 -18.53 20.52
N ALA A 64 8.52 -18.02 21.73
CA ALA A 64 7.27 -18.28 22.43
C ALA A 64 6.07 -17.76 21.65
N LEU A 65 6.17 -16.52 21.15
CA LEU A 65 5.10 -15.94 20.37
C LEU A 65 4.81 -16.74 19.12
N ARG A 66 5.85 -17.12 18.37
CA ARG A 66 5.60 -17.84 17.12
C ARG A 66 5.06 -19.24 17.38
N GLU A 67 5.56 -19.94 18.40
CA GLU A 67 5.16 -21.33 18.62
C GLU A 67 3.79 -21.40 19.31
N ARG A 68 3.68 -20.81 20.50
CA ARG A 68 2.45 -20.97 21.28
C ARG A 68 1.31 -20.17 20.68
N LEU A 69 1.46 -18.84 20.63
CA LEU A 69 0.35 -17.94 20.33
C LEU A 69 0.20 -17.65 18.84
N GLY A 70 1.14 -18.11 18.01
CA GLY A 70 1.03 -17.91 16.58
C GLY A 70 0.89 -16.47 16.16
N VAL A 71 1.71 -15.59 16.75
CA VAL A 71 1.71 -14.17 16.41
C VAL A 71 3.10 -13.87 15.84
N GLY A 72 3.21 -13.92 14.52
CA GLY A 72 4.50 -13.85 13.86
C GLY A 72 5.31 -12.59 14.09
N GLY A 73 4.82 -11.46 13.58
CA GLY A 73 5.56 -10.22 13.66
C GLY A 73 6.64 -10.12 12.59
N ARG A 74 7.26 -8.95 12.53
CA ARG A 74 8.32 -8.67 11.56
C ARG A 74 9.56 -8.18 12.28
N THR A 75 10.72 -8.53 11.73
CA THR A 75 12.01 -8.18 12.31
C THR A 75 12.52 -6.90 11.66
N VAL A 76 12.91 -5.93 12.48
CA VAL A 76 13.31 -4.61 11.98
C VAL A 76 14.77 -4.27 12.26
N GLY A 77 15.48 -5.08 13.03
CA GLY A 77 16.88 -4.83 13.30
C GLY A 77 17.76 -5.31 12.16
N ALA A 78 19.06 -5.34 12.43
CA ALA A 78 20.05 -5.85 11.49
C ALA A 78 20.69 -7.11 12.03
N LEU A 79 20.97 -8.05 11.14
CA LEU A 79 21.54 -9.32 11.56
C LEU A 79 22.98 -9.14 12.02
N PRO A 80 23.33 -9.71 13.17
CA PRO A 80 24.75 -9.75 13.57
C PRO A 80 25.59 -10.55 12.60
N ARG A 81 25.02 -11.64 12.06
CA ARG A 81 25.78 -12.51 11.18
C ARG A 81 26.18 -11.80 9.89
N GLY A 82 25.21 -11.19 9.22
CA GLY A 82 25.49 -10.35 8.07
C GLY A 82 24.93 -8.95 8.28
N PRO A 83 25.82 -7.98 8.46
CA PRO A 83 25.36 -6.64 8.84
C PRO A 83 24.73 -5.85 7.70
N ARG A 84 25.32 -5.90 6.51
CA ARG A 84 24.91 -5.04 5.40
C ARG A 84 24.13 -5.88 4.38
N GLN A 85 22.81 -5.89 4.55
CA GLN A 85 21.90 -6.63 3.68
C GLN A 85 20.49 -6.25 4.05
N ASN A 86 19.54 -6.68 3.20
CA ASN A 86 18.12 -6.52 3.49
C ASN A 86 17.33 -7.80 3.28
N SER A 87 17.97 -8.88 2.86
CA SER A 87 17.24 -10.13 2.62
C SER A 87 16.63 -10.68 3.90
N ARG A 88 17.38 -10.66 5.00
CA ARG A 88 16.89 -11.16 6.27
C ARG A 88 17.41 -10.27 7.39
N LEU A 89 16.53 -9.95 8.33
CA LEU A 89 16.84 -9.06 9.44
C LEU A 89 16.80 -9.83 10.75
N GLY A 90 17.12 -9.13 11.84
CA GLY A 90 17.18 -9.72 13.16
C GLY A 90 16.40 -8.91 14.17
N LEU A 91 16.71 -9.18 15.45
CA LEU A 91 16.03 -8.51 16.53
C LEU A 91 16.29 -7.01 16.47
N PRO A 92 15.35 -6.17 16.95
CA PRO A 92 14.10 -6.50 17.63
C PRO A 92 12.99 -6.98 16.72
N LEU A 93 12.00 -7.67 17.28
CA LEU A 93 10.77 -7.95 16.58
C LEU A 93 9.79 -6.79 16.78
N LEU A 94 9.13 -6.38 15.71
CA LEU A 94 8.16 -5.30 15.77
C LEU A 94 6.76 -5.87 15.69
N LEU A 95 5.90 -5.46 16.62
CA LEU A 95 4.54 -5.96 16.70
C LEU A 95 3.54 -4.89 16.27
N MET A 96 2.58 -5.30 15.44
CA MET A 96 1.51 -4.40 15.09
C MET A 96 0.72 -4.04 16.34
N PRO A 97 0.16 -2.83 16.43
CA PRO A 97 -0.63 -2.47 17.62
C PRO A 97 -1.78 -3.42 17.88
N GLU A 98 -2.41 -3.95 16.82
CA GLU A 98 -3.42 -4.98 17.01
C GLU A 98 -2.84 -6.23 17.65
N GLU A 99 -1.65 -6.65 17.23
CA GLU A 99 -1.01 -7.80 17.86
C GLU A 99 -0.67 -7.52 19.32
N ALA A 100 -0.19 -6.30 19.63
CA ALA A 100 0.11 -5.97 21.01
C ALA A 100 -1.14 -5.99 21.87
N ARG A 101 -2.23 -5.42 21.37
CA ARG A 101 -3.48 -5.41 22.14
C ARG A 101 -4.04 -6.82 22.32
N LEU A 102 -4.01 -7.63 21.26
CA LEU A 102 -4.49 -9.00 21.36
C LEU A 102 -3.68 -9.79 22.37
N LEU A 103 -2.35 -9.69 22.30
CA LEU A 103 -1.50 -10.41 23.24
C LEU A 103 -1.72 -9.94 24.66
N ALA A 104 -1.90 -8.63 24.85
CA ALA A 104 -2.13 -8.12 26.19
C ALA A 104 -3.45 -8.64 26.76
N GLU A 105 -4.50 -8.65 25.94
CA GLU A 105 -5.83 -8.96 26.46
C GLU A 105 -5.99 -10.42 26.82
N ILE A 106 -5.25 -11.31 26.17
CA ILE A 106 -5.42 -12.74 26.42
C ILE A 106 -4.49 -13.18 27.54
N GLY A 107 -3.92 -12.21 28.24
CA GLY A 107 -3.02 -12.51 29.34
C GLY A 107 -1.81 -13.31 28.92
N ALA A 108 -1.16 -12.87 27.84
CA ALA A 108 -0.01 -13.56 27.29
C ALA A 108 1.29 -12.80 27.51
N VAL A 109 1.34 -11.54 27.10
CA VAL A 109 2.48 -10.67 27.37
C VAL A 109 2.00 -9.49 28.21
N THR A 110 2.81 -9.11 29.18
CA THR A 110 2.52 -7.96 30.03
C THR A 110 3.15 -6.74 29.39
N LEU A 111 2.34 -5.91 28.73
CA LEU A 111 2.84 -4.69 28.15
C LEU A 111 3.40 -3.77 29.23
N VAL A 112 4.58 -3.23 28.98
CA VAL A 112 5.25 -2.38 29.96
C VAL A 112 6.00 -1.26 29.26
N SER A 113 5.79 -0.04 29.70
CA SER A 113 6.43 1.12 29.07
C SER A 113 7.93 1.12 29.38
N ALA A 114 8.68 1.78 28.50
CA ALA A 114 10.13 1.80 28.64
C ALA A 114 10.55 2.67 29.82
N PRO A 115 11.59 2.29 30.55
CA PRO A 115 12.00 3.06 31.73
C PRO A 115 12.77 4.31 31.35
N ARG A 116 12.80 5.26 32.28
CA ARG A 116 13.52 6.50 32.12
C ARG A 116 15.02 6.29 32.33
N PRO A 117 15.87 7.14 31.74
CA PRO A 117 17.33 6.97 31.87
C PRO A 117 17.88 7.40 33.23
N ASP A 118 17.72 6.52 34.22
CA ASP A 118 18.25 6.75 35.56
C ASP A 118 19.19 5.63 36.01
N SER A 119 19.87 4.97 35.06
CA SER A 119 20.77 3.87 35.36
C SER A 119 22.19 4.32 35.68
N ARG A 120 22.44 5.62 35.70
CA ARG A 120 23.80 6.12 35.94
C ARG A 120 24.31 5.72 37.32
N HIS A 121 23.44 5.77 38.32
CA HIS A 121 23.85 5.51 39.70
C HIS A 121 24.35 4.08 39.89
N HIS A 122 23.91 3.14 39.05
CA HIS A 122 24.25 1.72 39.20
C HIS A 122 25.46 1.43 38.32
N SER A 123 26.65 1.69 38.87
CA SER A 123 27.89 1.55 38.14
C SER A 123 28.92 0.86 39.01
N LEU A 124 30.17 0.91 38.55
CA LEU A 124 31.34 0.35 39.25
C LEU A 124 31.32 -1.17 39.24
N ALA A 125 30.27 -1.77 38.67
CA ALA A 125 30.20 -3.22 38.57
C ALA A 125 30.68 -3.72 37.21
N LEU A 126 30.43 -2.95 36.15
CA LEU A 126 30.86 -3.36 34.82
C LEU A 126 32.37 -3.26 34.65
N THR A 127 33.01 -2.32 35.35
CA THR A 127 34.47 -2.21 35.27
C THR A 127 35.15 -3.47 35.79
N SER A 128 34.69 -4.01 36.91
CA SER A 128 35.21 -5.28 37.41
C SER A 128 34.68 -6.47 36.63
N PHE A 129 33.72 -6.26 35.74
CA PHE A 129 33.17 -7.33 34.92
C PHE A 129 33.96 -7.52 33.62
N LYS A 130 34.26 -6.42 32.93
CA LYS A 130 35.00 -6.49 31.68
C LYS A 130 36.47 -6.80 31.88
N ARG A 131 37.07 -6.34 32.98
CA ARG A 131 38.49 -6.53 33.22
C ARG A 131 38.83 -7.86 33.87
N GLN A 132 37.94 -8.41 34.70
CA GLN A 132 38.18 -9.73 35.26
C GLN A 132 38.10 -10.80 34.17
N GLN A 133 37.17 -10.64 33.22
CA GLN A 133 37.11 -11.55 32.09
C GLN A 133 38.32 -11.40 31.18
N GLU A 134 38.90 -10.20 31.12
CA GLU A 134 40.09 -9.98 30.30
C GLU A 134 41.25 -10.84 30.78
N GLU A 135 41.45 -10.92 32.09
CA GLU A 135 42.51 -11.78 32.63
C GLU A 135 42.24 -13.24 32.30
N SER A 136 40.99 -13.67 32.42
CA SER A 136 40.64 -15.04 32.07
C SER A 136 40.72 -15.27 30.57
N PHE A 137 40.46 -14.24 29.77
CA PHE A 137 40.42 -14.37 28.33
C PHE A 137 41.79 -14.61 27.71
N GLN A 138 42.86 -14.04 28.28
CA GLN A 138 44.19 -14.31 27.75
C GLN A 138 44.63 -15.74 27.97
N GLU A 139 43.94 -16.46 28.87
CA GLU A 139 44.28 -17.86 29.09
C GLU A 139 43.81 -18.74 27.93
N GLN A 140 42.60 -18.48 27.42
CA GLN A 140 42.09 -19.27 26.31
C GLN A 140 42.80 -18.93 25.00
N SER A 141 43.05 -17.65 24.75
CA SER A 141 43.68 -17.24 23.50
C SER A 141 45.13 -17.72 23.40
N ALA A 142 45.86 -17.76 24.51
CA ALA A 142 47.23 -18.25 24.48
C ALA A 142 47.29 -19.75 24.18
N LEU A 143 46.39 -20.53 24.78
CA LEU A 143 46.34 -21.95 24.52
C LEU A 143 45.67 -22.29 23.20
N ALA A 144 44.97 -21.34 22.59
CA ALA A 144 44.30 -21.57 21.32
C ALA A 144 45.28 -21.69 20.15
N ALA A 145 46.54 -21.30 20.35
CA ALA A 145 47.53 -21.38 19.28
C ALA A 145 48.60 -22.42 19.61
N ALA A 225 42.90 -8.44 20.65
CA ALA A 225 42.95 -7.60 21.84
C ALA A 225 41.58 -7.54 22.51
N LEU A 226 41.32 -8.50 23.41
CA LEU A 226 40.08 -8.58 24.17
C LEU A 226 38.87 -8.73 23.25
N LEU A 227 37.68 -8.90 23.82
CA LEU A 227 36.44 -8.95 23.07
C LEU A 227 35.38 -8.12 23.79
N VAL A 228 34.44 -7.61 23.01
CA VAL A 228 33.35 -6.79 23.53
C VAL A 228 32.04 -7.33 22.95
N GLN A 229 31.02 -7.40 23.80
CA GLN A 229 29.70 -7.87 23.40
C GLN A 229 28.78 -6.68 23.19
N LEU A 230 28.24 -6.56 21.98
CA LEU A 230 27.22 -5.56 21.68
C LEU A 230 25.86 -6.24 21.79
N ALA A 231 25.41 -6.41 23.02
CA ALA A 231 24.18 -7.15 23.28
C ALA A 231 22.98 -6.42 22.70
N THR A 232 22.10 -7.17 22.04
CA THR A 232 20.87 -6.60 21.50
C THR A 232 19.88 -6.24 22.59
N ALA A 233 19.80 -7.06 23.64
CA ALA A 233 18.91 -6.82 24.76
C ALA A 233 19.67 -6.23 25.94
N ARG A 234 18.93 -5.54 26.79
CA ARG A 234 19.53 -4.92 27.96
C ARG A 234 20.10 -5.99 28.88
N PRO A 235 21.37 -5.89 29.27
CA PRO A 235 22.00 -6.93 30.10
C PRO A 235 21.82 -6.75 31.60
N ARG A 236 20.94 -5.87 32.05
CA ARG A 236 20.79 -5.60 33.47
C ARG A 236 19.32 -5.72 33.88
N PRO A 237 19.06 -6.20 35.10
CA PRO A 237 17.68 -6.28 35.60
C PRO A 237 17.15 -4.89 35.91
N VAL A 238 16.12 -4.46 35.19
CA VAL A 238 15.58 -3.11 35.27
C VAL A 238 14.10 -3.20 35.59
N LYS A 239 13.63 -2.28 36.43
CA LYS A 239 12.23 -2.22 36.80
C LYS A 239 11.52 -1.14 35.99
N ALA A 240 10.38 -1.50 35.41
CA ALA A 240 9.58 -0.57 34.62
C ALA A 240 8.11 -0.78 34.93
N ARG A 241 7.38 0.33 35.09
CA ARG A 241 5.98 0.27 35.46
C ARG A 241 5.12 -0.10 34.25
N PRO A 242 4.02 -0.82 34.46
CA PRO A 242 3.17 -1.26 33.35
C PRO A 242 2.22 -0.16 32.92
N LEU A 243 1.54 -0.40 31.81
CA LEU A 243 0.59 0.55 31.24
C LEU A 243 -0.67 -0.18 30.81
N ASP A 244 -1.81 0.51 30.90
CA ASP A 244 -3.08 -0.05 30.46
C ASP A 244 -3.41 0.48 29.06
N TRP A 245 -3.70 -0.43 28.15
CA TRP A 245 -3.97 -0.09 26.76
C TRP A 245 -5.40 0.36 26.52
N ARG A 246 -6.25 0.35 27.54
CA ARG A 246 -7.65 0.71 27.38
C ARG A 246 -7.90 2.21 27.42
N VAL A 247 -6.86 3.01 27.66
CA VAL A 247 -6.99 4.47 27.69
C VAL A 247 -5.85 5.06 26.88
N GLN A 248 -6.16 6.12 26.13
CA GLN A 248 -5.17 6.75 25.27
C GLN A 248 -4.20 7.60 26.10
N SER A 249 -2.92 7.51 25.74
CA SER A 249 -1.89 8.30 26.41
C SER A 249 -0.78 8.64 25.41
N LYS A 250 0.37 9.08 25.92
CA LYS A 250 1.50 9.42 25.07
C LYS A 250 2.36 8.22 24.69
N ASP A 251 2.06 7.05 25.24
CA ASP A 251 2.78 5.82 24.89
C ASP A 251 1.90 4.78 24.22
N TRP A 252 0.59 4.85 24.37
CA TRP A 252 -0.35 3.96 23.67
C TRP A 252 -1.43 4.81 23.03
N PRO A 253 -1.09 5.56 21.97
CA PRO A 253 -2.07 6.44 21.33
C PRO A 253 -3.11 5.71 20.50
N HIS A 254 -2.93 4.40 20.27
CA HIS A 254 -3.87 3.65 19.45
C HIS A 254 -5.22 3.47 20.11
N ALA A 255 -5.32 3.71 21.41
CA ALA A 255 -6.58 3.52 22.10
C ALA A 255 -7.60 4.57 21.66
N GLY A 256 -8.77 4.13 21.24
CA GLY A 256 -9.85 5.02 20.85
C GLY A 256 -9.87 5.40 19.39
N ARG A 257 -8.84 5.06 18.63
CA ARG A 257 -8.84 5.37 17.20
C ARG A 257 -9.79 4.43 16.47
N PRO A 258 -10.73 4.95 15.69
CA PRO A 258 -11.68 4.05 14.99
C PRO A 258 -10.98 3.06 14.06
N ALA A 259 -9.93 3.49 13.37
CA ALA A 259 -9.19 2.57 12.51
C ALA A 259 -8.54 1.45 13.32
N HIS A 260 -7.94 1.77 14.46
CA HIS A 260 -7.35 0.74 15.30
C HIS A 260 -8.42 -0.21 15.84
N GLU A 261 -9.56 0.33 16.27
CA GLU A 261 -10.63 -0.52 16.76
C GLU A 261 -11.11 -1.48 15.69
N LEU A 262 -11.31 -0.98 14.48
CA LEU A 262 -11.76 -1.82 13.38
C LEU A 262 -10.73 -2.90 13.05
N ARG A 263 -9.46 -2.51 12.91
CA ARG A 263 -8.44 -3.48 12.55
C ARG A 263 -8.23 -4.52 13.64
N TYR A 264 -8.31 -4.11 14.91
CA TYR A 264 -8.18 -5.09 15.99
C TYR A 264 -9.38 -6.02 16.03
N SER A 265 -10.58 -5.49 15.77
CA SER A 265 -11.76 -6.35 15.73
C SER A 265 -11.65 -7.40 14.64
N ILE A 266 -11.10 -7.02 13.48
CA ILE A 266 -10.88 -7.99 12.42
C ILE A 266 -9.80 -9.00 12.84
N TYR A 267 -8.71 -8.50 13.43
CA TYR A 267 -7.57 -9.34 13.76
C TYR A 267 -7.92 -10.39 14.81
N ARG A 268 -8.68 -10.00 15.84
CA ARG A 268 -9.02 -10.98 16.88
C ARG A 268 -9.81 -12.14 16.31
N ASP A 269 -10.78 -11.87 15.44
CA ASP A 269 -11.58 -12.95 14.88
C ASP A 269 -10.84 -13.76 13.83
N LEU A 270 -9.95 -13.12 13.06
CA LEU A 270 -9.11 -13.91 12.16
C LEU A 270 -8.01 -14.66 12.89
N TRP A 271 -7.79 -14.36 14.17
CA TRP A 271 -6.86 -15.13 14.99
C TRP A 271 -7.54 -16.26 15.75
N GLU A 272 -8.79 -16.06 16.19
CA GLU A 272 -9.50 -17.12 16.88
C GLU A 272 -9.71 -18.34 15.99
N ARG A 273 -10.11 -18.13 14.74
CA ARG A 273 -10.33 -19.24 13.82
C ARG A 273 -9.05 -19.98 13.49
N GLY A 274 -7.89 -19.34 13.68
CA GLY A 274 -6.62 -19.97 13.39
C GLY A 274 -6.08 -19.52 12.05
N PHE A 275 -5.18 -18.53 12.09
CA PHE A 275 -4.53 -18.01 10.90
C PHE A 275 -3.24 -17.34 11.34
N PHE A 276 -2.38 -17.06 10.38
CA PHE A 276 -1.28 -16.15 10.61
C PHE A 276 -1.50 -14.89 9.77
N LEU A 277 -1.45 -13.75 10.44
CA LEU A 277 -1.75 -12.48 9.80
C LEU A 277 -0.50 -11.61 9.77
N SER A 278 -0.35 -10.88 8.68
CA SER A 278 0.82 -10.02 8.49
C SER A 278 0.39 -8.77 7.73
N ALA A 279 1.18 -7.71 7.83
CA ALA A 279 0.85 -6.47 7.14
C ALA A 279 0.82 -6.71 5.63
N ALA A 280 -0.13 -6.04 4.96
CA ALA A 280 -0.33 -6.25 3.53
C ALA A 280 -0.56 -4.96 2.77
N GLY A 281 0.09 -3.87 3.19
CA GLY A 281 -0.06 -2.61 2.46
C GLY A 281 0.46 -2.67 1.04
N LYS A 282 1.42 -3.55 0.76
CA LYS A 282 1.97 -3.67 -0.58
C LYS A 282 0.93 -4.21 -1.56
N PHE A 283 -0.02 -5.00 -1.08
CA PHE A 283 -1.07 -5.57 -1.90
C PHE A 283 -2.35 -4.76 -1.84
N GLY A 284 -2.35 -3.65 -1.11
CA GLY A 284 -3.54 -2.83 -0.99
C GLY A 284 -4.56 -3.34 0.01
N GLY A 285 -4.29 -4.44 0.70
CA GLY A 285 -5.22 -4.92 1.70
C GLY A 285 -4.90 -4.38 3.08
N ASP A 286 -5.21 -5.14 4.11
CA ASP A 286 -4.89 -4.70 5.46
C ASP A 286 -4.29 -5.84 6.29
N PHE A 287 -4.56 -7.08 5.88
CA PHE A 287 -4.06 -8.25 6.59
C PHE A 287 -3.89 -9.37 5.59
N LEU A 288 -2.66 -9.69 5.22
CA LEU A 288 -2.42 -10.96 4.56
C LEU A 288 -2.67 -12.08 5.55
N VAL A 289 -3.50 -13.03 5.15
CA VAL A 289 -3.98 -14.11 5.99
C VAL A 289 -3.51 -15.42 5.40
N ALA A 290 -2.83 -16.22 6.22
CA ALA A 290 -2.25 -17.49 5.80
C ALA A 290 -2.81 -18.61 6.66
N PRO A 291 -3.03 -19.79 6.07
CA PRO A 291 -3.59 -20.91 6.83
C PRO A 291 -2.63 -21.52 7.83
N GLY A 292 -1.33 -21.26 7.70
CA GLY A 292 -0.34 -21.78 8.63
C GLY A 292 0.77 -20.78 8.88
N ASP A 293 1.90 -21.27 9.36
CA ASP A 293 3.04 -20.39 9.58
C ASP A 293 3.50 -19.79 8.26
N PRO A 294 3.74 -18.48 8.20
CA PRO A 294 4.16 -17.88 6.91
C PRO A 294 5.45 -18.46 6.38
N LEU A 295 6.27 -19.07 7.23
CA LEU A 295 7.49 -19.70 6.75
C LEU A 295 7.20 -20.85 5.80
N ARG A 296 6.08 -21.54 5.99
CA ARG A 296 5.82 -22.77 5.27
C ARG A 296 4.47 -22.78 4.53
N PHE A 297 3.74 -21.66 4.53
CA PHE A 297 2.46 -21.64 3.84
C PHE A 297 2.16 -20.27 3.25
N ALA A 298 1.88 -20.23 1.95
CA ALA A 298 1.59 -18.99 1.27
C ALA A 298 0.26 -18.41 1.75
N ALA A 299 0.23 -17.08 1.91
CA ALA A 299 -0.96 -16.42 2.42
C ALA A 299 -2.14 -16.61 1.48
N HIS A 300 -3.31 -16.90 2.04
CA HIS A 300 -4.48 -17.17 1.23
C HIS A 300 -5.27 -15.90 0.92
N TYR A 301 -5.48 -15.06 1.92
CA TYR A 301 -6.36 -13.92 1.73
C TYR A 301 -5.62 -12.60 1.90
N ILE A 302 -6.22 -11.54 1.36
CA ILE A 302 -5.67 -10.19 1.40
C ILE A 302 -6.63 -9.33 2.21
N ALA A 303 -7.17 -9.91 3.29
CA ALA A 303 -8.32 -9.37 3.98
C ALA A 303 -8.20 -7.86 4.21
N GLN A 304 -9.20 -7.12 3.75
CA GLN A 304 -9.31 -5.70 4.00
C GLN A 304 -10.12 -5.48 5.28
N CYS A 305 -10.46 -4.24 5.57
CA CYS A 305 -11.22 -3.92 6.78
C CYS A 305 -12.14 -2.74 6.45
N TRP A 306 -13.41 -3.05 6.19
CA TRP A 306 -14.40 -2.03 5.85
C TRP A 306 -15.49 -1.99 6.90
N ALA A 307 -15.81 -0.78 7.36
CA ALA A 307 -16.93 -0.60 8.25
C ALA A 307 -18.23 -0.91 7.51
N PRO A 308 -19.28 -1.33 8.22
CA PRO A 308 -20.52 -1.72 7.53
C PRO A 308 -21.14 -0.59 6.71
N GLU A 309 -20.98 0.66 7.13
CA GLU A 309 -21.64 1.78 6.46
C GLU A 309 -20.75 2.47 5.43
N ASP A 310 -19.45 2.24 5.45
CA ASP A 310 -18.56 2.91 4.51
C ASP A 310 -18.85 2.46 3.09
N THR A 311 -18.81 3.41 2.17
CA THR A 311 -19.13 3.15 0.76
C THR A 311 -17.86 2.70 0.04
N ILE A 312 -17.83 1.44 -0.37
CA ILE A 312 -16.64 0.89 -1.04
C ILE A 312 -16.55 1.46 -2.45
N PRO A 313 -15.39 2.00 -2.86
CA PRO A 313 -15.26 2.47 -4.24
C PRO A 313 -15.17 1.33 -5.23
N LEU A 314 -16.05 1.31 -6.23
CA LEU A 314 -16.10 0.19 -7.16
C LEU A 314 -14.79 0.04 -7.92
N GLN A 315 -14.19 1.15 -8.35
CA GLN A 315 -12.93 1.07 -9.08
C GLN A 315 -11.82 0.50 -8.21
N ASP A 316 -11.75 0.94 -6.95
CA ASP A 316 -10.77 0.38 -6.04
C ASP A 316 -11.02 -1.10 -5.81
N LEU A 317 -12.29 -1.50 -5.72
CA LEU A 317 -12.61 -2.91 -5.57
C LEU A 317 -12.15 -3.73 -6.76
N VAL A 318 -12.35 -3.20 -7.98
CA VAL A 318 -11.91 -3.89 -9.18
C VAL A 318 -10.40 -4.02 -9.20
N ALA A 319 -9.68 -2.94 -8.86
CA ALA A 319 -8.23 -3.00 -8.84
C ALA A 319 -7.75 -4.02 -7.82
N ALA A 320 -8.34 -4.02 -6.63
CA ALA A 320 -7.94 -4.96 -5.59
C ALA A 320 -8.23 -6.40 -5.99
N GLY A 321 -9.38 -6.64 -6.61
CA GLY A 321 -9.70 -7.99 -7.06
C GLY A 321 -8.77 -8.49 -8.15
N ARG A 322 -8.45 -7.63 -9.12
CA ARG A 322 -7.52 -8.03 -10.17
C ARG A 322 -6.13 -8.29 -9.60
N LEU A 323 -5.70 -7.46 -8.65
CA LEU A 323 -4.42 -7.72 -7.99
C LEU A 323 -4.44 -9.04 -7.22
N GLY A 324 -5.54 -9.32 -6.52
CA GLY A 324 -5.66 -10.57 -5.80
C GLY A 324 -5.57 -11.77 -6.72
N THR A 325 -6.27 -11.71 -7.86
CA THR A 325 -6.15 -12.80 -8.83
C THR A 325 -4.74 -12.91 -9.38
N SER A 326 -4.05 -11.80 -9.58
CA SER A 326 -2.67 -11.86 -10.07
C SER A 326 -1.76 -12.53 -9.05
N VAL A 327 -1.83 -12.11 -7.78
CA VAL A 327 -1.02 -12.70 -6.73
C VAL A 327 -1.52 -14.08 -6.33
N ARG A 328 -2.70 -14.47 -6.81
CA ARG A 328 -3.36 -15.70 -6.38
C ARG A 328 -3.63 -15.65 -4.89
N ALA A 329 -4.43 -14.67 -4.47
CA ALA A 329 -4.78 -14.50 -3.06
C ALA A 329 -6.15 -13.81 -3.01
N THR A 330 -7.18 -14.59 -2.67
CA THR A 330 -8.56 -14.13 -2.63
C THR A 330 -8.75 -12.93 -1.72
N LEU A 331 -9.42 -11.89 -2.22
CA LEU A 331 -9.71 -10.73 -1.40
C LEU A 331 -10.83 -11.04 -0.42
N LEU A 332 -10.76 -10.46 0.78
CA LEU A 332 -11.79 -10.58 1.79
C LEU A 332 -12.24 -9.20 2.24
N LEU A 333 -13.55 -8.98 2.24
CA LEU A 333 -14.13 -7.72 2.71
C LEU A 333 -14.67 -7.92 4.12
N CYS A 334 -13.76 -7.94 5.08
CA CYS A 334 -14.12 -8.18 6.47
C CYS A 334 -14.83 -6.97 7.06
N SER A 335 -15.93 -7.21 7.77
CA SER A 335 -16.70 -6.12 8.37
C SER A 335 -17.25 -6.55 9.72
N PRO A 336 -17.03 -5.77 10.78
CA PRO A 336 -17.66 -6.08 12.07
C PRO A 336 -19.02 -5.42 12.25
N GLN A 337 -20.03 -6.21 12.59
CA GLN A 337 -21.43 -5.84 12.73
C GLN A 337 -21.67 -5.13 14.06
N PRO A 338 -22.67 -4.25 14.13
CA PRO A 338 -22.88 -3.46 15.35
C PRO A 338 -23.09 -4.29 16.61
N ASP A 339 -23.83 -5.41 16.51
CA ASP A 339 -24.03 -6.26 17.69
C ASP A 339 -22.73 -6.91 18.13
N GLY A 340 -21.82 -7.13 17.19
CA GLY A 340 -20.50 -7.68 17.45
C GLY A 340 -20.35 -9.07 16.87
N LYS A 341 -19.83 -9.12 15.65
CA LYS A 341 -19.52 -10.34 14.92
C LYS A 341 -18.85 -9.94 13.62
N VAL A 342 -17.84 -10.66 13.17
CA VAL A 342 -17.14 -10.32 11.94
C VAL A 342 -17.71 -11.15 10.81
N VAL A 343 -18.22 -10.49 9.78
CA VAL A 343 -18.72 -11.15 8.58
C VAL A 343 -17.69 -10.93 7.48
N TYR A 344 -17.41 -12.00 6.73
CA TYR A 344 -16.44 -11.97 5.65
C TYR A 344 -17.15 -12.23 4.34
N THR A 345 -16.87 -11.41 3.33
CA THR A 345 -17.44 -11.58 1.99
C THR A 345 -16.29 -11.73 1.02
N SER A 346 -15.96 -12.98 0.69
CA SER A 346 -14.90 -13.26 -0.26
C SER A 346 -15.30 -12.75 -1.65
N LEU A 347 -14.28 -12.37 -2.43
CA LEU A 347 -14.52 -11.70 -3.71
C LEU A 347 -13.47 -12.19 -4.70
N GLN A 348 -13.86 -13.15 -5.54
CA GLN A 348 -12.96 -13.70 -6.53
C GLN A 348 -13.26 -13.14 -7.92
N TRP A 349 -12.40 -13.50 -8.87
CA TRP A 349 -12.71 -13.27 -10.27
C TRP A 349 -13.87 -14.16 -10.70
N ALA A 350 -14.62 -13.71 -11.69
CA ALA A 350 -15.85 -14.37 -12.11
C ALA A 350 -15.86 -14.57 -13.62
N SER A 351 -14.78 -15.11 -14.16
CA SER A 351 -14.73 -15.39 -15.59
C SER A 351 -15.85 -16.35 -15.97
N LEU A 352 -16.57 -16.01 -17.04
CA LEU A 352 -17.72 -16.79 -17.47
C LEU A 352 -17.52 -17.31 -18.89
N TRP B 39 -33.27 -4.97 -32.62
CA TRP B 39 -32.55 -5.87 -31.72
C TRP B 39 -32.56 -5.34 -30.30
N MET B 40 -32.32 -4.04 -30.15
CA MET B 40 -32.20 -3.41 -28.82
C MET B 40 -33.57 -2.94 -28.33
N GLY B 41 -34.20 -2.03 -29.09
CA GLY B 41 -35.51 -1.55 -28.71
C GLY B 41 -36.59 -2.61 -28.80
N THR B 42 -36.53 -3.44 -29.85
CA THR B 42 -37.56 -4.45 -30.10
C THR B 42 -37.05 -5.81 -29.62
N HIS B 43 -37.21 -6.04 -28.31
CA HIS B 43 -36.86 -7.30 -27.70
C HIS B 43 -37.99 -7.74 -26.78
N PRO B 44 -38.39 -9.02 -26.83
CA PRO B 44 -39.50 -9.48 -25.99
C PRO B 44 -39.25 -9.33 -24.50
N LYS B 45 -38.00 -9.47 -24.04
CA LYS B 45 -37.70 -9.32 -22.62
C LYS B 45 -37.92 -7.90 -22.12
N TYR B 46 -37.85 -6.91 -23.02
CA TYR B 46 -38.10 -5.53 -22.62
C TYR B 46 -39.53 -5.31 -22.12
N LEU B 47 -40.47 -6.18 -22.48
CA LEU B 47 -41.81 -6.08 -21.93
C LEU B 47 -41.78 -6.24 -20.41
N GLU B 48 -41.16 -7.32 -19.92
CA GLU B 48 -41.02 -7.50 -18.48
C GLU B 48 -40.07 -6.46 -17.90
N MET B 49 -39.06 -6.05 -18.65
CA MET B 49 -38.14 -5.02 -18.16
C MET B 49 -38.86 -3.72 -17.85
N MET B 50 -39.83 -3.33 -18.70
CA MET B 50 -40.62 -2.14 -18.44
C MET B 50 -41.70 -2.41 -17.39
N GLU B 51 -42.24 -3.64 -17.36
CA GLU B 51 -43.29 -3.96 -16.40
C GLU B 51 -42.79 -3.99 -14.97
N LEU B 52 -41.51 -4.31 -14.75
CA LEU B 52 -40.95 -4.31 -13.41
C LEU B 52 -40.99 -2.89 -12.81
N ASP B 53 -40.59 -1.90 -13.60
CA ASP B 53 -40.57 -0.50 -13.20
C ASP B 53 -39.78 -0.32 -11.90
N ILE B 54 -38.59 -0.92 -11.87
CA ILE B 54 -37.71 -0.85 -10.72
C ILE B 54 -36.42 -0.17 -11.14
N GLY B 55 -36.04 0.89 -10.43
CA GLY B 55 -34.81 1.59 -10.71
C GLY B 55 -34.95 2.53 -11.90
N ASP B 56 -33.86 3.26 -12.15
CA ASP B 56 -33.81 4.22 -13.22
C ASP B 56 -33.69 3.53 -14.57
N ALA B 57 -33.89 4.30 -15.64
CA ALA B 57 -33.77 3.76 -16.99
C ALA B 57 -32.36 3.27 -17.27
N THR B 58 -31.35 3.92 -16.68
CA THR B 58 -29.98 3.45 -16.83
C THR B 58 -29.81 2.07 -16.21
N GLN B 59 -30.44 1.82 -15.06
CA GLN B 59 -30.30 0.52 -14.41
C GLN B 59 -30.93 -0.59 -15.25
N VAL B 60 -32.16 -0.37 -15.73
CA VAL B 60 -32.79 -1.38 -16.57
C VAL B 60 -32.04 -1.55 -17.88
N TYR B 61 -31.41 -0.49 -18.39
CA TYR B 61 -30.64 -0.61 -19.62
C TYR B 61 -29.36 -1.40 -19.42
N VAL B 62 -28.63 -1.17 -18.32
CA VAL B 62 -27.44 -1.98 -18.08
C VAL B 62 -27.85 -3.42 -17.78
N ALA B 63 -29.02 -3.63 -17.18
CA ALA B 63 -29.52 -4.98 -16.98
C ALA B 63 -29.77 -5.67 -18.31
N PHE B 64 -30.41 -4.97 -19.25
CA PHE B 64 -30.63 -5.54 -20.57
C PHE B 64 -29.32 -5.78 -21.29
N LEU B 65 -28.35 -4.88 -21.12
CA LEU B 65 -27.05 -5.06 -21.74
C LEU B 65 -26.36 -6.32 -21.22
N VAL B 66 -26.44 -6.55 -19.90
CA VAL B 66 -25.86 -7.77 -19.33
C VAL B 66 -26.63 -8.99 -19.81
N TYR B 67 -27.95 -8.90 -19.93
CA TYR B 67 -28.73 -10.01 -20.43
C TYR B 67 -28.30 -10.38 -21.85
N LEU B 68 -28.14 -9.37 -22.71
CA LEU B 68 -27.69 -9.62 -24.06
C LEU B 68 -26.27 -10.19 -24.08
N ASP B 69 -25.39 -9.68 -23.23
CA ASP B 69 -24.03 -10.21 -23.16
C ASP B 69 -24.03 -11.67 -22.76
N LEU B 70 -24.82 -12.03 -21.76
CA LEU B 70 -24.85 -13.42 -21.30
C LEU B 70 -25.50 -14.34 -22.31
N MET B 71 -26.58 -13.89 -22.96
CA MET B 71 -27.29 -14.77 -23.88
C MET B 71 -26.57 -14.93 -25.22
N GLU B 72 -25.96 -13.86 -25.73
CA GLU B 72 -25.34 -13.91 -27.05
C GLU B 72 -23.93 -14.49 -26.99
N SER B 73 -23.03 -13.84 -26.26
CA SER B 73 -21.64 -14.27 -26.25
C SER B 73 -21.42 -15.39 -25.25
N LYS B 74 -21.87 -15.22 -24.00
CA LYS B 74 -21.67 -16.26 -23.00
C LYS B 74 -22.52 -17.49 -23.28
N SER B 75 -23.68 -17.31 -23.92
CA SER B 75 -24.55 -18.41 -24.33
C SER B 75 -24.97 -19.29 -23.16
N TRP B 76 -25.74 -18.73 -22.23
CA TRP B 76 -26.35 -19.49 -21.15
C TRP B 76 -27.64 -20.14 -21.63
N HIS B 77 -28.06 -21.17 -20.89
CA HIS B 77 -29.26 -21.90 -21.28
C HIS B 77 -30.51 -21.03 -21.19
N GLU B 78 -30.73 -20.39 -20.06
CA GLU B 78 -31.88 -19.51 -19.87
C GLU B 78 -31.48 -18.37 -18.96
N VAL B 79 -32.18 -17.24 -19.11
CA VAL B 79 -32.01 -16.09 -18.22
C VAL B 79 -33.39 -15.52 -17.93
N ASN B 80 -33.49 -14.73 -16.86
CA ASN B 80 -34.75 -14.08 -16.50
C ASN B 80 -34.42 -12.74 -15.87
N CYS B 81 -35.42 -11.86 -15.83
CA CYS B 81 -35.28 -10.54 -15.25
C CYS B 81 -36.13 -10.48 -13.97
N VAL B 82 -35.52 -10.83 -12.86
CA VAL B 82 -36.20 -10.74 -11.57
C VAL B 82 -35.93 -9.39 -10.94
N GLY B 83 -36.94 -8.84 -10.26
CA GLY B 83 -36.82 -7.55 -9.63
C GLY B 83 -36.81 -7.67 -8.12
N LEU B 84 -36.10 -6.75 -7.48
CA LEU B 84 -36.04 -6.64 -6.02
C LEU B 84 -36.41 -5.21 -5.67
N PRO B 85 -37.71 -4.95 -5.46
CA PRO B 85 -38.13 -3.58 -5.12
C PRO B 85 -37.53 -3.06 -3.83
N GLU B 86 -37.38 -3.93 -2.82
CA GLU B 86 -36.83 -3.48 -1.55
C GLU B 86 -35.39 -3.00 -1.71
N LEU B 87 -34.58 -3.74 -2.47
CA LEU B 87 -33.23 -3.32 -2.79
C LEU B 87 -33.16 -2.45 -4.04
N GLN B 88 -34.28 -2.31 -4.77
CA GLN B 88 -34.32 -1.53 -6.00
C GLN B 88 -33.28 -2.05 -7.00
N LEU B 89 -33.28 -3.36 -7.23
CA LEU B 89 -32.29 -3.97 -8.11
C LEU B 89 -32.95 -4.88 -9.12
N ILE B 90 -32.21 -5.15 -10.19
CA ILE B 90 -32.58 -6.15 -11.18
C ILE B 90 -31.55 -7.26 -11.12
N CYS B 91 -32.02 -8.49 -10.94
CA CYS B 91 -31.15 -9.66 -10.91
C CYS B 91 -31.47 -10.55 -12.10
N LEU B 92 -30.42 -11.18 -12.62
CA LEU B 92 -30.52 -12.07 -13.78
C LEU B 92 -30.25 -13.48 -13.26
N VAL B 93 -31.29 -14.30 -13.24
CA VAL B 93 -31.19 -15.65 -12.71
C VAL B 93 -30.99 -16.63 -13.85
N GLY B 94 -29.74 -16.88 -14.20
CA GLY B 94 -29.43 -17.70 -15.35
C GLY B 94 -28.96 -19.10 -15.03
N THR B 95 -28.58 -19.84 -16.07
CA THR B 95 -28.18 -21.23 -15.93
C THR B 95 -27.16 -21.59 -17.00
N GLU B 96 -25.88 -21.69 -16.61
CA GLU B 96 -24.83 -21.91 -17.59
C GLU B 96 -24.99 -23.24 -18.31
N ILE B 97 -25.24 -24.31 -17.56
CA ILE B 97 -25.44 -25.64 -18.12
C ILE B 97 -26.86 -26.07 -17.83
N GLU B 98 -27.34 -27.04 -18.61
CA GLU B 98 -28.73 -27.49 -18.52
C GLU B 98 -29.05 -28.16 -17.20
N GLY B 99 -28.05 -28.50 -16.39
CA GLY B 99 -28.30 -29.09 -15.08
C GLY B 99 -27.42 -28.50 -14.00
N GLU B 100 -26.69 -27.44 -14.34
CA GLU B 100 -25.77 -26.83 -13.37
C GLU B 100 -26.52 -26.18 -12.22
N GLY B 101 -27.73 -25.69 -12.45
CA GLY B 101 -28.51 -25.08 -11.39
C GLY B 101 -28.55 -23.56 -11.51
N LEU B 102 -29.48 -22.97 -10.77
CA LEU B 102 -29.71 -21.53 -10.82
C LEU B 102 -28.49 -20.76 -10.34
N GLN B 103 -28.12 -19.73 -11.08
CA GLN B 103 -27.04 -18.82 -10.72
C GLN B 103 -27.54 -17.39 -10.86
N THR B 104 -26.96 -16.49 -10.07
CA THR B 104 -27.44 -15.12 -10.02
C THR B 104 -26.35 -14.15 -10.48
N VAL B 105 -26.76 -13.19 -11.30
CA VAL B 105 -25.88 -12.13 -11.77
C VAL B 105 -26.55 -10.80 -11.49
N VAL B 106 -25.85 -9.90 -10.82
CA VAL B 106 -26.40 -8.57 -10.53
C VAL B 106 -25.69 -7.53 -11.38
N PRO B 107 -26.38 -6.83 -12.27
CA PRO B 107 -25.73 -5.76 -13.03
C PRO B 107 -25.80 -4.42 -12.33
N THR B 108 -24.67 -3.73 -12.26
CA THR B 108 -24.59 -2.39 -11.69
C THR B 108 -23.60 -1.57 -12.51
N PRO B 109 -23.88 -0.30 -12.73
CA PRO B 109 -22.91 0.57 -13.41
C PRO B 109 -21.77 0.94 -12.48
N ILE B 110 -20.75 1.62 -13.01
CA ILE B 110 -19.65 2.09 -12.17
C ILE B 110 -20.06 3.23 -11.26
N THR B 111 -21.23 3.82 -11.48
CA THR B 111 -21.70 4.90 -10.62
C THR B 111 -22.20 4.37 -9.28
N ALA B 112 -22.72 3.15 -9.26
CA ALA B 112 -23.38 2.61 -8.08
C ALA B 112 -22.40 2.47 -6.92
N SER B 113 -22.91 2.72 -5.71
CA SER B 113 -22.12 2.62 -4.49
C SER B 113 -22.54 1.36 -3.73
N LEU B 114 -21.56 0.53 -3.37
CA LEU B 114 -21.79 -0.72 -2.67
C LEU B 114 -21.18 -0.63 -1.28
N SER B 115 -22.04 -0.41 -0.27
CA SER B 115 -21.60 -0.62 1.10
C SER B 115 -21.67 -2.10 1.43
N HIS B 116 -20.94 -2.48 2.49
CA HIS B 116 -20.92 -3.89 2.87
C HIS B 116 -22.30 -4.38 3.28
N ASN B 117 -23.13 -3.50 3.83
CA ASN B 117 -24.52 -3.86 4.13
C ASN B 117 -25.27 -4.19 2.85
N ARG B 118 -25.04 -3.43 1.78
CA ARG B 118 -25.66 -3.74 0.50
C ARG B 118 -25.23 -5.11 -0.01
N ILE B 119 -23.94 -5.45 0.16
CA ILE B 119 -23.46 -6.75 -0.27
C ILE B 119 -24.12 -7.87 0.53
N ARG B 120 -24.24 -7.70 1.85
CA ARG B 120 -24.90 -8.72 2.65
C ARG B 120 -26.36 -8.88 2.25
N GLU B 121 -27.05 -7.77 1.99
CA GLU B 121 -28.44 -7.85 1.56
C GLU B 121 -28.57 -8.57 0.23
N ILE B 122 -27.67 -8.28 -0.71
CA ILE B 122 -27.71 -8.96 -2.00
C ILE B 122 -27.42 -10.44 -1.83
N LEU B 123 -26.51 -10.78 -0.93
CA LEU B 123 -26.21 -12.19 -0.66
C LEU B 123 -27.43 -12.91 -0.13
N LYS B 124 -28.14 -12.30 0.81
CA LYS B 124 -29.35 -12.93 1.35
C LYS B 124 -30.44 -13.05 0.30
N ALA B 125 -30.58 -12.04 -0.56
CA ALA B 125 -31.55 -12.10 -1.64
C ALA B 125 -31.23 -13.23 -2.62
N SER B 126 -29.94 -13.38 -2.95
CA SER B 126 -29.52 -14.48 -3.82
C SER B 126 -29.80 -15.83 -3.18
N ARG B 127 -29.55 -15.94 -1.87
CA ARG B 127 -29.88 -17.18 -1.17
C ARG B 127 -31.36 -17.48 -1.24
N LYS B 128 -32.21 -16.46 -1.06
CA LYS B 128 -33.64 -16.68 -1.16
C LYS B 128 -34.05 -17.10 -2.57
N LEU B 129 -33.43 -16.49 -3.59
CA LEU B 129 -33.78 -16.83 -4.96
C LEU B 129 -33.38 -18.27 -5.28
N GLN B 130 -32.13 -18.65 -5.00
CA GLN B 130 -31.71 -20.01 -5.25
C GLN B 130 -32.39 -21.00 -4.31
N GLY B 131 -32.51 -20.65 -3.03
CA GLY B 131 -33.14 -21.52 -2.06
C GLY B 131 -32.41 -22.83 -1.86
N ASP B 132 -31.09 -22.80 -1.83
CA ASP B 132 -30.25 -23.99 -1.76
C ASP B 132 -29.28 -23.86 -0.58
N PRO B 133 -29.71 -24.23 0.62
CA PRO B 133 -28.83 -24.15 1.79
C PRO B 133 -27.60 -25.04 1.69
N ASP B 134 -27.57 -25.92 0.69
CA ASP B 134 -26.41 -26.79 0.47
C ASP B 134 -25.17 -26.02 0.06
N LEU B 135 -25.30 -24.76 -0.34
CA LEU B 135 -24.16 -23.93 -0.71
C LEU B 135 -24.33 -22.58 -0.01
N PRO B 136 -23.23 -21.89 0.28
CA PRO B 136 -23.32 -20.58 0.92
C PRO B 136 -23.87 -19.53 -0.05
N MET B 137 -24.15 -18.35 0.51
CA MET B 137 -24.58 -17.22 -0.31
C MET B 137 -23.50 -16.91 -1.34
N SER B 138 -23.92 -16.65 -2.58
CA SER B 138 -22.96 -16.37 -3.65
C SER B 138 -23.66 -15.74 -4.84
N PHE B 139 -23.14 -14.63 -5.34
CA PHE B 139 -23.72 -13.99 -6.50
C PHE B 139 -22.62 -13.31 -7.31
N THR B 140 -22.84 -13.25 -8.62
CA THR B 140 -21.89 -12.59 -9.51
C THR B 140 -22.32 -11.15 -9.73
N LEU B 141 -21.40 -10.22 -9.49
CA LEU B 141 -21.65 -8.80 -9.64
C LEU B 141 -21.09 -8.38 -11.00
N ALA B 142 -21.94 -7.79 -11.82
CA ALA B 142 -21.60 -7.44 -13.20
C ALA B 142 -21.49 -5.92 -13.30
N ILE B 143 -20.27 -5.42 -13.26
CA ILE B 143 -20.00 -3.99 -13.41
C ILE B 143 -19.97 -3.65 -14.89
N VAL B 144 -20.69 -2.60 -15.26
CA VAL B 144 -20.86 -2.22 -16.67
C VAL B 144 -20.57 -0.74 -16.80
N GLU B 145 -19.88 -0.39 -17.88
CA GLU B 145 -19.53 0.99 -18.19
C GLU B 145 -20.36 1.47 -19.36
N SER B 146 -20.46 2.80 -19.49
CA SER B 146 -21.15 3.38 -20.64
C SER B 146 -20.55 2.92 -21.96
N ASP B 147 -19.27 2.55 -21.94
CA ASP B 147 -18.64 1.97 -23.13
C ASP B 147 -19.20 0.60 -23.45
N SER B 148 -20.10 0.09 -22.60
CA SER B 148 -20.72 -1.22 -22.75
C SER B 148 -19.71 -2.34 -22.55
N THR B 149 -18.65 -2.04 -21.81
CA THR B 149 -17.68 -3.05 -21.41
C THR B 149 -18.04 -3.56 -20.02
N ILE B 150 -17.96 -4.89 -19.85
CA ILE B 150 -18.52 -5.56 -18.69
C ILE B 150 -17.43 -6.38 -18.01
N VAL B 151 -17.39 -6.30 -16.67
CA VAL B 151 -16.53 -7.14 -15.87
C VAL B 151 -17.38 -7.79 -14.78
N TYR B 152 -16.88 -8.91 -14.24
CA TYR B 152 -17.65 -9.69 -13.28
C TYR B 152 -16.78 -10.03 -12.09
N TYR B 153 -17.41 -10.14 -10.92
CA TYR B 153 -16.73 -10.57 -9.72
C TYR B 153 -17.70 -11.39 -8.86
N LYS B 154 -17.28 -12.59 -8.48
CA LYS B 154 -18.16 -13.55 -7.81
C LYS B 154 -18.03 -13.38 -6.30
N LEU B 155 -18.92 -12.59 -5.73
CA LEU B 155 -18.92 -12.38 -4.29
C LEU B 155 -19.57 -13.57 -3.59
N THR B 156 -18.80 -14.28 -2.77
CA THR B 156 -19.26 -15.46 -2.07
C THR B 156 -19.06 -15.26 -0.58
N ASP B 157 -20.11 -15.52 0.20
CA ASP B 157 -20.02 -15.37 1.64
C ASP B 157 -19.06 -16.39 2.23
N GLY B 158 -18.34 -15.98 3.28
CA GLY B 158 -17.45 -16.88 3.98
C GLY B 158 -16.04 -16.86 3.43
N PHE B 159 -15.35 -17.99 3.56
CA PHE B 159 -13.97 -18.13 3.11
C PHE B 159 -13.92 -19.03 1.88
N MET B 160 -13.34 -18.54 0.80
CA MET B 160 -13.19 -19.29 -0.43
C MET B 160 -11.70 -19.38 -0.78
N LEU B 161 -11.19 -20.61 -0.79
CA LEU B 161 -9.79 -20.80 -1.14
C LEU B 161 -9.58 -20.56 -2.63
N PRO B 162 -8.55 -19.80 -3.01
CA PRO B 162 -8.31 -19.56 -4.44
C PRO B 162 -7.91 -20.82 -5.16
N ASP B 163 -8.78 -21.30 -6.04
CA ASP B 163 -8.53 -22.54 -6.76
C ASP B 163 -7.37 -22.39 -7.74
N PRO B 164 -6.59 -23.45 -7.95
CA PRO B 164 -5.48 -23.44 -8.92
C PRO B 164 -5.94 -23.35 -10.37
N ILE C 39 -22.82 15.06 -39.41
CA ILE C 39 -23.66 14.54 -40.46
C ILE C 39 -23.83 13.03 -40.30
N PHE C 40 -23.61 12.56 -39.07
CA PHE C 40 -23.73 11.13 -38.73
C PHE C 40 -24.83 10.98 -37.69
N ARG C 41 -25.96 10.43 -38.12
CA ARG C 41 -27.12 10.31 -37.25
C ARG C 41 -26.92 9.21 -36.21
N ALA C 42 -27.39 9.48 -34.99
CA ALA C 42 -27.36 8.52 -33.90
C ALA C 42 -28.65 8.64 -33.12
N GLU C 43 -28.78 7.85 -32.05
CA GLU C 43 -29.96 7.85 -31.20
C GLU C 43 -29.53 7.87 -29.74
N MET C 44 -30.03 8.85 -28.99
CA MET C 44 -29.78 8.92 -27.54
C MET C 44 -30.92 8.20 -26.83
N ILE C 45 -31.00 6.89 -27.07
CA ILE C 45 -32.08 6.06 -26.54
C ILE C 45 -31.62 5.45 -25.22
N ASN C 46 -32.43 5.64 -24.18
CA ASN C 46 -32.18 5.08 -22.85
C ASN C 46 -30.84 5.55 -22.29
N ASN C 47 -30.58 6.85 -22.38
CA ASN C 47 -29.43 7.49 -21.72
C ASN C 47 -28.11 6.94 -22.24
N ASN C 48 -28.06 6.57 -23.52
CA ASN C 48 -26.82 6.11 -24.14
C ASN C 48 -26.89 6.36 -25.64
N VAL C 49 -25.76 6.78 -26.22
CA VAL C 49 -25.70 7.06 -27.64
C VAL C 49 -25.46 5.75 -28.39
N ILE C 50 -26.31 5.46 -29.37
CA ILE C 50 -26.17 4.26 -30.18
C ILE C 50 -26.31 4.66 -31.65
N VAL C 51 -25.40 4.15 -32.48
CA VAL C 51 -25.39 4.41 -33.92
C VAL C 51 -25.80 3.13 -34.63
N ARG C 52 -26.77 3.25 -35.54
CA ARG C 52 -27.33 2.11 -36.26
C ARG C 52 -26.73 1.94 -37.66
N ASN C 53 -26.62 3.05 -38.40
CA ASN C 53 -26.27 2.98 -39.82
C ASN C 53 -24.91 2.31 -40.03
N ALA C 54 -24.86 1.43 -41.02
CA ALA C 54 -23.63 0.69 -41.29
C ALA C 54 -22.51 1.61 -41.75
N GLU C 55 -22.82 2.56 -42.63
CA GLU C 55 -21.78 3.48 -43.10
C GLU C 55 -21.24 4.33 -41.96
N ASP C 56 -22.12 4.81 -41.08
CA ASP C 56 -21.68 5.64 -39.97
C ASP C 56 -20.77 4.86 -39.03
N ILE C 57 -21.14 3.63 -38.68
CA ILE C 57 -20.31 2.84 -37.77
C ILE C 57 -19.00 2.46 -38.45
N GLU C 58 -19.02 2.20 -39.76
CA GLU C 58 -17.78 1.94 -40.48
C GLU C 58 -16.84 3.13 -40.40
N GLN C 59 -17.39 4.34 -40.59
CA GLN C 59 -16.58 5.54 -40.47
C GLN C 59 -16.03 5.70 -39.05
N LEU C 60 -16.88 5.45 -38.04
CA LEU C 60 -16.46 5.63 -36.66
C LEU C 60 -15.38 4.64 -36.25
N TYR C 61 -15.44 3.40 -36.75
CA TYR C 61 -14.36 2.45 -36.51
C TYR C 61 -13.11 2.78 -37.31
N GLY C 62 -13.27 3.36 -38.49
CA GLY C 62 -12.12 3.83 -39.24
C GLY C 62 -11.53 5.12 -38.72
N LYS C 63 -12.28 5.85 -37.90
CA LYS C 63 -11.81 7.11 -37.32
C LYS C 63 -11.26 6.85 -35.91
N GLY C 64 -10.15 6.12 -35.88
CA GLY C 64 -9.46 5.85 -34.62
C GLY C 64 -10.22 5.02 -33.63
N TYR C 65 -11.01 4.05 -34.09
CA TYR C 65 -11.70 3.10 -33.23
C TYR C 65 -12.52 3.77 -32.14
N PHE C 66 -13.57 4.49 -32.53
CA PHE C 66 -14.45 5.17 -31.59
C PHE C 66 -15.65 4.27 -31.27
N GLY C 67 -15.82 3.95 -30.00
CA GLY C 67 -16.97 3.20 -29.54
C GLY C 67 -16.76 1.70 -29.54
N LYS C 68 -17.66 1.01 -28.84
CA LYS C 68 -17.67 -0.44 -28.77
C LYS C 68 -18.95 -0.98 -29.39
N GLY C 69 -18.83 -2.09 -30.10
CA GLY C 69 -19.95 -2.72 -30.78
C GLY C 69 -20.54 -3.87 -30.01
N ILE C 70 -21.16 -4.79 -30.74
CA ILE C 70 -21.79 -5.97 -30.14
C ILE C 70 -21.20 -7.24 -30.75
N LEU C 71 -21.25 -7.34 -32.07
CA LEU C 71 -20.74 -8.52 -32.77
C LEU C 71 -19.21 -8.55 -32.74
N GLU C 295 -25.48 -5.14 -35.64
CA GLU C 295 -24.32 -4.73 -34.87
C GLU C 295 -24.35 -3.23 -34.61
N TYR C 296 -25.24 -2.79 -33.71
CA TYR C 296 -25.33 -1.39 -33.37
C TYR C 296 -24.14 -0.99 -32.50
N LEU C 297 -23.69 0.25 -32.68
CA LEU C 297 -22.46 0.73 -32.05
C LEU C 297 -22.83 1.60 -30.84
N GLN C 298 -22.52 1.11 -29.65
CA GLN C 298 -22.62 1.94 -28.46
C GLN C 298 -21.45 2.90 -28.40
N LEU C 299 -21.74 4.18 -28.14
CA LEU C 299 -20.75 5.22 -28.06
C LEU C 299 -20.85 5.88 -26.70
N SER C 300 -19.73 5.97 -25.99
CA SER C 300 -19.75 6.58 -24.67
C SER C 300 -20.08 8.07 -24.79
N LEU C 301 -20.46 8.66 -23.65
CA LEU C 301 -20.81 10.08 -23.65
C LEU C 301 -19.64 10.94 -24.06
N GLU C 302 -18.43 10.60 -23.59
CA GLU C 302 -17.25 11.40 -23.90
C GLU C 302 -16.98 11.40 -25.41
N GLU C 303 -16.92 10.21 -26.02
CA GLU C 303 -16.67 10.13 -27.46
C GLU C 303 -17.78 10.77 -28.27
N ALA C 304 -19.04 10.59 -27.85
CA ALA C 304 -20.17 11.17 -28.55
C ALA C 304 -20.08 12.69 -28.55
N PHE C 305 -19.90 13.29 -27.37
CA PHE C 305 -19.82 14.74 -27.32
C PHE C 305 -18.56 15.25 -28.01
N PHE C 306 -17.48 14.46 -27.99
CA PHE C 306 -16.28 14.85 -28.71
C PHE C 306 -16.50 14.89 -30.22
N LEU C 307 -17.19 13.90 -30.78
CA LEU C 307 -17.49 13.93 -32.22
C LEU C 307 -18.62 14.88 -32.56
N VAL C 308 -19.38 15.34 -31.58
CA VAL C 308 -20.39 16.36 -31.83
C VAL C 308 -19.78 17.76 -31.84
N TYR C 309 -18.89 18.04 -30.88
CA TYR C 309 -18.33 19.37 -30.75
C TYR C 309 -16.98 19.51 -31.44
N ALA C 310 -16.01 18.70 -31.04
CA ALA C 310 -14.63 18.85 -31.49
C ALA C 310 -14.46 18.63 -32.98
N LEU C 311 -15.31 17.81 -33.58
CA LEU C 311 -15.21 17.57 -35.01
C LEU C 311 -16.50 17.92 -35.74
N GLY C 312 -17.63 17.68 -35.09
CA GLY C 312 -18.92 17.94 -35.69
C GLY C 312 -19.41 16.88 -36.66
N CYS C 313 -18.66 15.79 -36.85
CA CYS C 313 -19.09 14.75 -37.76
C CYS C 313 -20.36 14.06 -37.27
N LEU C 314 -20.42 13.78 -35.97
CA LEU C 314 -21.56 13.07 -35.40
C LEU C 314 -22.70 14.04 -35.09
N SER C 315 -23.92 13.64 -35.47
CA SER C 315 -25.12 14.40 -35.17
C SER C 315 -26.05 13.53 -34.35
N ILE C 316 -26.38 13.99 -33.14
CA ILE C 316 -27.24 13.25 -32.22
C ILE C 316 -28.62 13.88 -32.26
N TYR C 317 -29.63 13.05 -32.53
CA TYR C 317 -31.01 13.49 -32.62
C TYR C 317 -31.82 12.89 -31.48
N TYR C 318 -32.79 13.66 -31.01
CA TYR C 318 -33.63 13.23 -29.88
C TYR C 318 -34.99 13.89 -30.03
N GLU C 319 -36.05 13.11 -29.83
CA GLU C 319 -37.43 13.57 -30.02
C GLU C 319 -37.67 14.08 -31.44
N LYS C 320 -37.03 13.44 -32.42
CA LYS C 320 -37.13 13.76 -33.83
C LYS C 320 -36.61 15.14 -34.18
N GLU C 321 -35.80 15.74 -33.32
CA GLU C 321 -35.24 17.07 -33.56
C GLU C 321 -33.77 17.08 -33.16
N PRO C 322 -32.95 17.87 -33.85
CA PRO C 322 -31.54 18.01 -33.42
C PRO C 322 -31.44 18.67 -32.06
N LEU C 323 -30.40 18.31 -31.33
CA LEU C 323 -30.12 18.89 -30.02
C LEU C 323 -28.92 19.82 -30.09
N THR C 324 -29.08 21.03 -29.58
CA THR C 324 -27.95 21.93 -29.45
C THR C 324 -26.93 21.34 -28.49
N ILE C 325 -25.65 21.65 -28.74
CA ILE C 325 -24.58 21.05 -27.95
C ILE C 325 -24.72 21.42 -26.48
N VAL C 326 -25.32 22.58 -26.19
CA VAL C 326 -25.55 22.97 -24.79
C VAL C 326 -26.52 22.01 -24.13
N LYS C 327 -27.61 21.65 -24.82
CA LYS C 327 -28.55 20.70 -24.27
C LYS C 327 -27.93 19.31 -24.11
N LEU C 328 -27.07 18.92 -25.05
CA LEU C 328 -26.34 17.66 -24.89
C LEU C 328 -25.47 17.69 -23.66
N TRP C 329 -24.79 18.82 -23.41
CA TRP C 329 -23.98 18.95 -22.21
C TRP C 329 -24.84 18.85 -20.95
N LYS C 330 -26.00 19.50 -20.95
CA LYS C 330 -26.90 19.43 -19.81
C LYS C 330 -27.32 17.98 -19.54
N ALA C 331 -27.78 17.29 -20.57
CA ALA C 331 -28.29 15.93 -20.42
C ALA C 331 -27.18 15.00 -19.95
N PHE C 332 -25.99 15.11 -20.54
CA PHE C 332 -24.89 14.23 -20.16
C PHE C 332 -24.38 14.52 -18.76
N THR C 333 -24.37 15.79 -18.35
CA THR C 333 -23.99 16.11 -16.98
C THR C 333 -25.00 15.57 -15.99
N VAL C 334 -26.30 15.66 -16.31
CA VAL C 334 -27.31 15.13 -15.40
C VAL C 334 -27.21 13.60 -15.32
N VAL C 335 -27.00 12.93 -16.45
CA VAL C 335 -27.00 11.46 -16.48
C VAL C 335 -25.64 10.95 -16.04
N GLN C 336 -24.66 11.84 -15.90
CA GLN C 336 -23.33 11.46 -15.46
C GLN C 336 -22.63 12.69 -14.89
N PRO C 337 -22.64 12.86 -13.56
CA PRO C 337 -22.10 14.10 -12.98
C PRO C 337 -20.65 14.37 -13.33
N THR C 338 -19.82 13.33 -13.44
CA THR C 338 -18.41 13.52 -13.74
C THR C 338 -18.14 13.81 -15.21
N PHE C 339 -19.15 13.66 -16.08
CA PHE C 339 -18.93 13.75 -17.52
C PHE C 339 -18.25 15.05 -17.92
N ARG C 340 -18.48 16.13 -17.17
CA ARG C 340 -17.77 17.36 -17.43
C ARG C 340 -16.27 17.10 -17.33
N THR C 341 -15.80 16.80 -16.12
CA THR C 341 -14.37 16.72 -15.87
C THR C 341 -13.71 15.71 -16.82
N THR C 342 -14.25 14.48 -16.83
CA THR C 342 -13.68 13.45 -17.68
C THR C 342 -13.59 13.94 -19.13
N TYR C 343 -14.64 14.59 -19.63
CA TYR C 343 -14.61 15.00 -21.03
C TYR C 343 -13.42 15.91 -21.29
N MET C 344 -13.16 16.86 -20.40
CA MET C 344 -12.01 17.73 -20.58
C MET C 344 -10.74 16.90 -20.70
N ALA C 345 -10.55 15.95 -19.78
CA ALA C 345 -9.42 15.06 -19.91
C ALA C 345 -9.50 14.28 -21.20
N TYR C 346 -10.68 13.77 -21.56
CA TYR C 346 -10.81 13.06 -22.82
C TYR C 346 -10.47 13.94 -24.00
N HIS C 347 -10.66 15.25 -23.89
CA HIS C 347 -10.18 16.12 -24.96
C HIS C 347 -8.67 16.28 -24.90
N TYR C 348 -8.13 16.48 -23.70
CA TYR C 348 -6.72 16.77 -23.52
C TYR C 348 -5.82 15.63 -23.96
N PHE C 349 -6.28 14.38 -23.85
CA PHE C 349 -5.52 13.24 -24.32
C PHE C 349 -5.88 12.85 -25.75
N ARG C 350 -6.81 13.56 -26.39
CA ARG C 350 -7.22 13.20 -27.74
C ARG C 350 -6.61 14.13 -28.78
N SER C 351 -6.47 15.41 -28.46
CA SER C 351 -5.81 16.33 -29.39
C SER C 351 -4.36 15.93 -29.65
N LYS C 352 -3.73 15.26 -28.69
CA LYS C 352 -2.34 14.85 -28.81
C LYS C 352 -2.18 13.48 -29.46
N GLY C 353 -3.20 13.02 -30.19
CA GLY C 353 -3.06 11.82 -31.00
C GLY C 353 -3.15 10.51 -30.26
N TRP C 354 -3.44 10.52 -28.96
CA TRP C 354 -3.65 9.27 -28.26
C TRP C 354 -5.02 8.69 -28.62
N VAL C 355 -5.28 7.49 -28.13
CA VAL C 355 -6.57 6.84 -28.32
C VAL C 355 -7.12 6.49 -26.95
N PRO C 356 -7.61 7.46 -26.19
CA PRO C 356 -8.08 7.16 -24.83
C PRO C 356 -9.37 6.35 -24.88
N LYS C 357 -9.26 5.10 -24.43
CA LYS C 357 -10.40 4.22 -24.28
C LYS C 357 -10.77 4.13 -22.81
N VAL C 358 -12.06 3.92 -22.53
CA VAL C 358 -12.46 3.72 -21.15
C VAL C 358 -11.79 2.46 -20.62
N GLY C 359 -11.13 2.60 -19.47
CA GLY C 359 -10.25 1.56 -19.00
C GLY C 359 -10.53 1.09 -17.59
N LEU C 360 -11.81 0.96 -17.24
CA LEU C 360 -12.20 0.51 -15.92
C LEU C 360 -12.15 -1.01 -15.78
N LYS C 361 -11.40 -1.68 -16.66
CA LYS C 361 -10.92 -3.03 -16.39
C LYS C 361 -9.92 -3.05 -15.24
N TYR C 362 -9.37 -1.90 -14.89
CA TYR C 362 -8.53 -1.75 -13.71
C TYR C 362 -9.17 -0.64 -12.89
N GLY C 363 -8.45 -0.17 -11.87
CA GLY C 363 -8.97 0.89 -11.04
C GLY C 363 -8.83 2.28 -11.62
N THR C 364 -8.43 2.39 -12.88
CA THR C 364 -8.19 3.67 -13.53
C THR C 364 -9.28 3.96 -14.56
N ASP C 365 -9.29 5.20 -15.03
CA ASP C 365 -10.34 5.69 -15.91
C ASP C 365 -10.02 5.45 -17.39
N LEU C 366 -8.89 5.96 -17.86
CA LEU C 366 -8.56 5.93 -19.28
C LEU C 366 -7.33 5.07 -19.54
N LEU C 367 -7.29 4.50 -20.74
CA LEU C 367 -6.12 3.80 -21.26
C LEU C 367 -5.72 4.49 -22.55
N LEU C 368 -4.47 4.96 -22.60
CA LEU C 368 -3.98 5.73 -23.74
C LEU C 368 -3.16 4.85 -24.67
N ALA C 369 -3.46 4.92 -25.96
CA ALA C 369 -2.73 4.17 -26.98
C ALA C 369 -2.31 5.12 -28.09
N ARG C 370 -1.21 4.76 -28.76
CA ARG C 370 -0.64 5.67 -29.76
C ARG C 370 -1.35 5.57 -31.10
N LYS C 371 -1.29 4.40 -31.74
CA LYS C 371 -1.81 4.26 -33.09
C LYS C 371 -2.29 2.84 -33.35
N GLY C 372 -2.48 2.51 -34.63
CA GLY C 372 -2.95 1.21 -35.05
C GLY C 372 -2.07 0.03 -34.66
N PRO C 373 -0.76 0.10 -34.92
CA PRO C 373 0.13 -1.03 -34.59
C PRO C 373 0.04 -1.39 -33.11
N PRO C 374 -0.08 -0.41 -32.19
CA PRO C 374 -0.49 -0.81 -30.82
C PRO C 374 -2.00 -0.99 -30.68
N PHE C 375 -2.49 -2.14 -31.13
CA PHE C 375 -3.92 -2.46 -31.06
C PHE C 375 -4.28 -2.71 -29.60
N TYR C 376 -4.86 -1.70 -28.94
CA TYR C 376 -5.34 -1.80 -27.56
C TYR C 376 -4.20 -2.08 -26.58
N ALA C 377 -2.96 -2.06 -27.07
CA ALA C 377 -1.80 -2.25 -26.20
C ALA C 377 -1.43 -0.95 -25.51
N ALA C 378 -2.36 -0.42 -24.72
CA ALA C 378 -2.16 0.86 -24.05
C ALA C 378 -1.02 0.76 -23.05
N SER C 379 -0.32 1.89 -22.85
CA SER C 379 0.83 1.93 -21.96
C SER C 379 0.67 2.98 -20.87
N TYR C 380 -0.55 3.47 -20.64
CA TYR C 380 -0.78 4.46 -19.59
C TYR C 380 -2.20 4.33 -19.06
N SER C 381 -2.33 4.50 -17.74
CA SER C 381 -3.62 4.45 -17.07
C SER C 381 -3.76 5.71 -16.23
N VAL C 382 -4.87 6.42 -16.39
CA VAL C 382 -5.01 7.76 -15.86
C VAL C 382 -6.00 7.80 -14.70
N ILE C 383 -5.85 8.80 -13.82
CA ILE C 383 -6.78 9.01 -12.72
C ILE C 383 -7.21 10.48 -12.74
N ILE C 384 -8.32 10.76 -13.39
CA ILE C 384 -8.78 12.13 -13.58
C ILE C 384 -9.32 12.68 -12.27
N GLU C 385 -8.93 13.91 -11.91
CA GLU C 385 -9.62 14.62 -10.84
C GLU C 385 -9.41 16.12 -11.02
N LEU C 386 -10.52 16.84 -11.15
CA LEU C 386 -10.48 18.29 -11.24
C LEU C 386 -10.04 18.90 -9.91
N VAL C 387 -9.21 19.93 -9.98
CA VAL C 387 -8.74 20.60 -8.77
C VAL C 387 -8.94 22.10 -8.91
N ASP C 388 -8.68 22.85 -7.84
CA ASP C 388 -8.89 24.29 -7.81
C ASP C 388 -7.62 25.00 -8.27
N ASP C 389 -7.57 26.32 -8.11
CA ASP C 389 -6.37 27.09 -8.41
C ASP C 389 -5.27 26.90 -7.37
N HIS C 390 -5.64 26.71 -6.11
CA HIS C 390 -4.68 26.46 -5.04
C HIS C 390 -4.42 24.98 -4.83
N PHE C 391 -4.97 24.12 -5.68
CA PHE C 391 -4.77 22.68 -5.62
C PHE C 391 -5.32 22.11 -4.32
N GLU C 392 -6.47 22.62 -3.88
CA GLU C 392 -7.17 22.13 -2.70
C GLU C 392 -8.54 21.58 -3.05
N GLY C 393 -8.70 21.06 -4.28
CA GLY C 393 -9.99 20.58 -4.71
C GLY C 393 -10.41 19.31 -4.00
N SER C 394 -11.72 19.11 -3.95
CA SER C 394 -12.27 17.90 -3.36
C SER C 394 -11.91 16.69 -4.21
N LEU C 395 -11.67 15.57 -3.54
CA LEU C 395 -11.26 14.35 -4.25
C LEU C 395 -12.43 13.77 -5.02
N ARG C 396 -12.28 13.69 -6.35
CA ARG C 396 -13.26 12.98 -7.16
C ARG C 396 -13.22 11.49 -6.90
N ARG C 397 -12.06 10.96 -6.52
CA ARG C 397 -11.90 9.56 -6.17
C ARG C 397 -10.84 9.48 -5.10
N PRO C 398 -11.23 9.26 -3.84
CA PRO C 398 -10.27 9.34 -2.74
C PRO C 398 -9.12 8.36 -2.90
N LEU C 399 -7.94 8.81 -2.51
CA LEU C 399 -6.70 8.04 -2.65
C LEU C 399 -6.09 7.74 -1.29
N SER C 400 -5.35 6.64 -1.25
CA SER C 400 -4.57 6.25 -0.09
C SER C 400 -3.41 5.40 -0.57
N TRP C 401 -2.35 5.34 0.25
CA TRP C 401 -1.15 4.62 -0.19
C TRP C 401 -1.45 3.15 -0.44
N LYS C 402 -2.44 2.58 0.24
CA LYS C 402 -2.88 1.23 -0.11
C LYS C 402 -3.47 1.20 -1.52
N SER C 403 -4.36 2.14 -1.83
CA SER C 403 -4.98 2.18 -3.14
C SER C 403 -3.95 2.46 -4.22
N LEU C 404 -3.04 3.41 -3.98
CA LEU C 404 -2.00 3.70 -4.95
C LEU C 404 -1.05 2.53 -5.14
N ALA C 405 -0.70 1.83 -4.06
CA ALA C 405 0.15 0.66 -4.18
C ALA C 405 -0.52 -0.42 -5.01
N ALA C 406 -1.81 -0.66 -4.76
CA ALA C 406 -2.54 -1.65 -5.54
C ALA C 406 -2.60 -1.26 -7.02
N LEU C 407 -2.91 0.01 -7.29
CA LEU C 407 -2.98 0.49 -8.66
C LEU C 407 -1.65 0.37 -9.37
N SER C 408 -0.57 0.78 -8.70
CA SER C 408 0.75 0.71 -9.30
C SER C 408 1.14 -0.74 -9.58
N ARG C 409 0.87 -1.64 -8.64
CA ARG C 409 1.22 -3.05 -8.83
C ARG C 409 0.44 -3.67 -9.97
N VAL C 410 -0.86 -3.39 -10.05
CA VAL C 410 -1.66 -3.99 -11.11
C VAL C 410 -1.30 -3.39 -12.47
N SER C 411 -0.92 -2.11 -12.50
CA SER C 411 -0.49 -1.52 -13.76
C SER C 411 0.86 -2.06 -14.21
N VAL C 412 1.77 -2.29 -13.26
CA VAL C 412 3.05 -2.91 -13.61
C VAL C 412 2.84 -4.33 -14.13
N ASN C 413 1.94 -5.09 -13.50
CA ASN C 413 1.68 -6.45 -13.96
C ASN C 413 1.15 -6.46 -15.39
N VAL C 414 0.45 -5.40 -15.79
CA VAL C 414 -0.11 -5.29 -17.14
C VAL C 414 0.80 -4.46 -18.05
N SER C 415 1.97 -4.06 -17.56
CA SER C 415 2.96 -3.31 -18.33
C SER C 415 2.39 -1.98 -18.82
N ALA C 416 2.02 -1.16 -17.84
CA ALA C 416 1.53 0.19 -18.09
C ALA C 416 2.21 1.10 -17.09
N GLU C 417 1.78 2.37 -17.04
CA GLU C 417 2.36 3.34 -16.13
C GLU C 417 1.24 4.23 -15.60
N LEU C 418 0.97 4.13 -14.30
CA LEU C 418 -0.09 4.91 -13.69
C LEU C 418 0.14 6.41 -13.89
N MET C 419 -0.93 7.11 -14.26
CA MET C 419 -0.92 8.55 -14.44
C MET C 419 -1.75 9.20 -13.33
N LEU C 420 -1.63 10.51 -13.17
CA LEU C 420 -2.43 11.24 -12.19
C LEU C 420 -2.86 12.59 -12.73
N CYS C 421 -3.41 12.61 -13.94
CA CYS C 421 -3.81 13.87 -14.60
C CYS C 421 -4.63 14.76 -13.68
N TYR C 422 -4.30 16.05 -13.69
CA TYR C 422 -5.00 17.06 -12.91
C TYR C 422 -5.52 18.13 -13.84
N LEU C 423 -6.76 18.55 -13.61
CA LEU C 423 -7.36 19.68 -14.33
C LEU C 423 -7.49 20.85 -13.38
N ILE C 424 -6.94 22.00 -13.77
CA ILE C 424 -6.90 23.19 -12.93
C ILE C 424 -7.88 24.21 -13.51
N LYS C 425 -8.83 24.65 -12.67
CA LYS C 425 -9.78 25.67 -13.05
C LYS C 425 -9.49 26.94 -12.30
N PRO C 426 -9.35 28.09 -12.98
CA PRO C 426 -9.10 29.34 -12.26
C PRO C 426 -10.32 29.77 -11.45
N SER C 427 -10.04 30.59 -10.43
CA SER C 427 -11.11 31.07 -9.55
C SER C 427 -12.10 31.93 -10.32
N THR C 428 -11.62 32.67 -11.33
CA THR C 428 -12.51 33.53 -12.10
C THR C 428 -13.54 32.74 -12.87
N MET C 429 -13.22 31.50 -13.24
CA MET C 429 -14.14 30.66 -14.01
C MET C 429 -15.13 30.01 -13.04
N THR C 430 -16.33 30.56 -12.98
CA THR C 430 -17.36 30.02 -12.10
C THR C 430 -17.89 28.70 -12.65
N ASP C 431 -18.32 27.83 -11.74
CA ASP C 431 -18.84 26.52 -12.14
C ASP C 431 -20.10 26.63 -12.99
N LYS C 432 -20.90 27.68 -12.80
CA LYS C 432 -22.14 27.83 -13.57
C LYS C 432 -21.89 27.93 -15.06
N GLU C 433 -20.70 28.38 -15.47
CA GLU C 433 -20.37 28.50 -16.88
C GLU C 433 -20.04 27.15 -17.52
N MET C 434 -19.94 26.08 -16.73
CA MET C 434 -19.59 24.77 -17.25
C MET C 434 -20.66 24.21 -18.19
N GLU C 435 -21.71 24.98 -18.42
CA GLU C 435 -22.79 24.53 -19.31
C GLU C 435 -22.32 24.29 -20.73
N SER C 436 -21.19 24.87 -21.12
CA SER C 436 -20.64 24.73 -22.46
C SER C 436 -19.20 24.26 -22.38
N PRO C 437 -18.69 23.61 -23.44
CA PRO C 437 -17.29 23.20 -23.44
C PRO C 437 -16.33 24.37 -23.62
N GLU C 438 -16.87 25.59 -23.67
CA GLU C 438 -16.03 26.78 -23.82
C GLU C 438 -15.10 26.95 -22.63
N CYS C 439 -15.52 26.52 -21.44
CA CYS C 439 -14.64 26.56 -20.27
C CYS C 439 -13.39 25.73 -20.49
N MET C 440 -13.44 24.76 -21.41
CA MET C 440 -12.24 23.99 -21.76
C MET C 440 -11.12 24.88 -22.24
N LYS C 441 -11.44 26.06 -22.80
CA LYS C 441 -10.39 26.97 -23.25
C LYS C 441 -9.65 27.63 -22.10
N ARG C 442 -10.15 27.52 -20.87
CA ARG C 442 -9.53 28.14 -19.71
C ARG C 442 -9.31 27.13 -18.59
N ILE C 443 -8.90 25.92 -18.94
CA ILE C 443 -8.57 24.88 -17.97
C ILE C 443 -7.14 24.43 -18.23
N LYS C 444 -6.29 24.53 -17.21
CA LYS C 444 -4.93 24.05 -17.36
C LYS C 444 -4.85 22.56 -16.99
N VAL C 445 -3.76 21.93 -17.41
CA VAL C 445 -3.60 20.50 -17.15
C VAL C 445 -2.25 20.25 -16.49
N GLN C 446 -2.14 19.14 -15.76
CA GLN C 446 -0.91 18.77 -15.07
C GLN C 446 -0.85 17.26 -14.87
N GLU C 447 0.10 16.60 -15.53
CA GLU C 447 0.24 15.16 -15.47
C GLU C 447 1.36 14.74 -14.54
N VAL C 448 1.11 13.71 -13.73
CA VAL C 448 2.08 13.22 -12.76
C VAL C 448 2.15 11.71 -12.81
N ILE C 449 3.22 11.16 -13.39
CA ILE C 449 3.42 9.72 -13.34
C ILE C 449 3.76 9.30 -11.91
N LEU C 450 3.30 8.10 -11.55
CA LEU C 450 3.57 7.55 -10.22
C LEU C 450 4.08 6.12 -10.41
N SER C 451 5.40 5.96 -10.27
CA SER C 451 6.05 4.67 -10.44
C SER C 451 6.80 4.30 -9.18
N ARG C 452 7.00 3.00 -8.99
CA ARG C 452 7.72 2.51 -7.83
C ARG C 452 9.21 2.79 -7.99
N TRP C 453 9.89 2.85 -6.86
CA TRP C 453 11.34 3.08 -6.81
C TRP C 453 11.94 1.91 -6.05
N VAL C 454 12.52 0.96 -6.77
CA VAL C 454 13.12 -0.23 -6.17
C VAL C 454 14.51 0.16 -5.68
N SER C 455 14.70 0.13 -4.36
CA SER C 455 15.97 0.56 -3.80
C SER C 455 17.13 -0.36 -4.17
N SER C 456 16.87 -1.62 -4.47
CA SER C 456 17.95 -2.52 -4.85
C SER C 456 18.48 -2.20 -6.24
N ARG C 457 17.57 -1.97 -7.20
CA ARG C 457 17.98 -1.77 -8.58
C ARG C 457 18.63 -0.40 -8.78
N GLU C 458 18.07 0.63 -8.16
CA GLU C 458 18.54 1.99 -8.38
C GLU C 458 19.85 2.26 -7.67
N ARG C 459 20.91 1.60 -8.11
CA ARG C 459 22.27 1.82 -7.61
C ARG C 459 23.22 2.16 -8.75
N SER C 460 22.75 3.05 -9.65
CA SER C 460 23.52 3.57 -10.79
C SER C 460 23.82 2.50 -11.83
N ASP C 461 23.91 2.94 -13.09
CA ASP C 461 24.20 2.05 -14.21
N ALA D 8 3.12 -0.29 42.36
CA ALA D 8 2.83 -0.79 41.03
C ALA D 8 3.61 -2.07 40.73
N ALA D 9 2.92 -3.11 40.29
CA ALA D 9 3.57 -4.36 39.95
C ALA D 9 4.54 -4.17 38.80
N VAL D 10 5.73 -4.75 38.92
CA VAL D 10 6.80 -4.60 37.95
C VAL D 10 7.25 -5.97 37.50
N GLU D 11 7.38 -6.16 36.18
CA GLU D 11 7.75 -7.45 35.63
C GLU D 11 9.23 -7.76 35.81
N VAL D 12 10.07 -6.74 36.02
CA VAL D 12 11.53 -6.84 36.21
C VAL D 12 12.15 -7.93 35.33
N PRO D 13 12.22 -7.74 34.01
CA PRO D 13 12.85 -8.73 33.14
C PRO D 13 14.38 -8.67 33.28
N ALA D 14 15.04 -9.57 32.56
CA ALA D 14 16.49 -9.62 32.55
C ALA D 14 16.98 -10.11 31.19
N GLY D 15 18.20 -9.68 30.84
CA GLY D 15 18.79 -10.03 29.57
C GLY D 15 19.75 -11.21 29.66
N ARG D 16 20.47 -11.43 28.57
CA ARG D 16 21.39 -12.55 28.46
C ARG D 16 22.80 -12.03 28.19
N VAL D 17 23.77 -12.50 28.96
CA VAL D 17 25.17 -12.14 28.80
C VAL D 17 25.94 -13.37 28.35
N LEU D 18 26.84 -13.16 27.40
CA LEU D 18 27.62 -14.25 26.81
C LEU D 18 28.83 -14.57 27.66
N SER D 19 29.17 -15.86 27.71
CA SER D 19 30.34 -16.33 28.43
C SER D 19 31.58 -16.24 27.55
N ALA D 20 32.74 -16.55 28.15
CA ALA D 20 34.01 -16.43 27.44
C ALA D 20 34.06 -17.35 26.23
N ARG D 21 33.62 -18.59 26.39
CA ARG D 21 33.57 -19.51 25.26
C ARG D 21 32.63 -19.01 24.17
N GLU D 22 31.47 -18.47 24.56
CA GLU D 22 30.53 -17.95 23.57
C GLU D 22 31.11 -16.76 22.83
N LEU D 23 31.76 -15.85 23.56
CA LEU D 23 32.40 -14.71 22.89
C LEU D 23 33.50 -15.18 21.93
N PHE D 24 34.29 -16.15 22.35
CA PHE D 24 35.37 -16.64 21.52
C PHE D 24 34.85 -17.32 20.26
N ALA D 25 33.76 -18.08 20.39
CA ALA D 25 33.18 -18.80 19.26
C ALA D 25 32.29 -17.93 18.38
N ALA D 26 31.87 -16.75 18.86
CA ALA D 26 31.01 -15.89 18.05
C ALA D 26 31.78 -15.28 16.90
N ARG D 27 33.09 -15.11 17.03
CA ARG D 27 33.89 -14.51 15.97
C ARG D 27 34.37 -15.52 14.94
N SER D 28 34.02 -16.80 15.10
CA SER D 28 34.29 -17.80 14.08
C SER D 28 33.13 -17.98 13.12
N ARG D 29 32.07 -17.17 13.24
CA ARG D 29 30.89 -17.33 12.40
C ARG D 29 31.22 -17.14 10.94
N SER D 30 30.57 -17.94 10.10
CA SER D 30 30.58 -17.69 8.66
C SER D 30 29.46 -16.73 8.30
N GLN D 31 29.69 -15.92 7.27
CA GLN D 31 28.71 -14.91 6.88
C GLN D 31 27.58 -15.47 6.04
N LYS D 32 27.66 -16.74 5.64
CA LYS D 32 26.60 -17.35 4.85
C LYS D 32 25.29 -17.35 5.64
N LEU D 33 24.22 -16.91 4.97
CA LEU D 33 22.93 -16.83 5.62
C LEU D 33 22.22 -18.19 5.58
N PRO D 34 21.44 -18.50 6.62
CA PRO D 34 20.56 -19.69 6.56
C PRO D 34 19.36 -19.40 5.68
N GLN D 35 19.18 -20.20 4.64
CA GLN D 35 18.12 -19.95 3.67
C GLN D 35 16.75 -20.07 4.34
N ARG D 36 15.85 -19.16 3.98
CA ARG D 36 14.53 -19.11 4.60
C ARG D 36 13.53 -19.93 3.80
N SER D 37 12.67 -20.66 4.51
CA SER D 37 11.52 -21.36 3.96
C SER D 37 11.91 -22.59 3.16
N HIS D 38 13.21 -22.78 2.92
CA HIS D 38 13.75 -23.97 2.24
C HIS D 38 12.99 -24.27 0.96
N GLY D 39 12.94 -23.28 0.09
CA GLY D 39 12.36 -23.44 -1.23
C GLY D 39 10.86 -23.22 -1.26
N PRO D 40 10.16 -24.04 -2.04
CA PRO D 40 8.71 -23.83 -2.23
C PRO D 40 7.94 -23.97 -0.93
N LYS D 41 6.87 -23.20 -0.81
CA LYS D 41 6.01 -23.22 0.37
C LYS D 41 4.72 -23.98 0.06
N ASP D 42 4.32 -24.85 0.97
CA ASP D 42 3.14 -25.67 0.77
C ASP D 42 1.89 -24.83 0.77
N PHE D 43 0.99 -25.12 -0.18
CA PHE D 43 -0.26 -24.38 -0.31
C PHE D 43 -1.19 -24.59 0.88
N LEU D 44 -1.64 -25.82 1.09
CA LEU D 44 -2.67 -26.08 2.09
C LEU D 44 -2.10 -26.90 3.25
N PRO D 45 -2.41 -26.55 4.51
CA PRO D 45 -1.93 -27.32 5.67
C PRO D 45 -2.75 -28.59 5.90
N ASP D 46 -2.42 -29.64 5.15
CA ASP D 46 -3.17 -30.88 5.18
C ASP D 46 -2.83 -31.76 6.37
N GLY D 47 -2.14 -31.24 7.37
CA GLY D 47 -1.85 -32.02 8.56
C GLY D 47 -0.89 -33.17 8.34
N SER D 48 -0.09 -33.12 7.30
CA SER D 48 0.85 -34.19 7.02
C SER D 48 1.90 -34.30 8.11
N ALA D 49 2.44 -35.51 8.27
CA ALA D 49 3.54 -35.73 9.20
C ALA D 49 4.87 -35.21 8.66
N ALA D 50 4.92 -34.84 7.38
CA ALA D 50 6.13 -34.27 6.80
C ALA D 50 6.17 -32.75 6.88
N GLN D 51 5.02 -32.09 6.79
CA GLN D 51 4.99 -30.64 6.92
C GLN D 51 5.38 -30.20 8.33
N ALA D 52 5.07 -31.02 9.33
CA ALA D 52 5.44 -30.69 10.70
C ALA D 52 6.95 -30.61 10.85
N GLU D 53 7.68 -31.57 10.26
CA GLU D 53 9.14 -31.55 10.38
C GLU D 53 9.74 -30.37 9.63
N ARG D 54 9.17 -30.02 8.47
CA ARG D 54 9.66 -28.86 7.73
C ARG D 54 9.45 -27.58 8.52
N LEU D 55 8.27 -27.42 9.12
CA LEU D 55 8.01 -26.25 9.94
C LEU D 55 8.95 -26.20 11.14
N ARG D 56 9.17 -27.35 11.79
CA ARG D 56 10.07 -27.38 12.94
C ARG D 56 11.48 -26.99 12.53
N ARG D 57 11.96 -27.51 11.40
CA ARG D 57 13.30 -27.19 10.93
C ARG D 57 13.44 -25.70 10.61
N CYS D 58 12.44 -25.16 9.91
CA CYS D 58 12.51 -23.73 9.56
C CYS D 58 12.52 -22.86 10.80
N ARG D 59 11.65 -23.15 11.77
CA ARG D 59 11.63 -22.33 12.97
C ARG D 59 12.88 -22.52 13.82
N GLU D 60 13.46 -23.74 13.84
CA GLU D 60 14.71 -23.94 14.57
C GLU D 60 15.84 -23.15 13.96
N GLU D 61 15.94 -23.13 12.62
CA GLU D 61 16.95 -22.30 11.98
C GLU D 61 16.70 -20.82 12.26
N LEU D 62 15.43 -20.40 12.29
CA LEU D 62 15.13 -19.02 12.64
C LEU D 62 15.62 -18.68 14.05
N TRP D 63 15.39 -19.56 15.02
CA TRP D 63 15.86 -19.30 16.37
C TRP D 63 17.38 -19.31 16.45
N GLN D 64 18.02 -20.20 15.70
CA GLN D 64 19.48 -20.20 15.67
C GLN D 64 20.02 -18.89 15.11
N LEU D 65 19.39 -18.35 14.08
CA LEU D 65 19.82 -17.07 13.52
C LEU D 65 19.52 -15.91 14.46
N LEU D 66 18.43 -15.96 15.21
CA LEU D 66 18.08 -14.88 16.12
C LEU D 66 18.78 -14.99 17.47
N ALA D 67 19.49 -16.08 17.74
CA ALA D 67 20.18 -16.24 19.01
C ALA D 67 21.60 -15.68 18.99
N GLU D 68 22.05 -15.14 17.87
CA GLU D 68 23.41 -14.65 17.72
C GLU D 68 23.49 -13.18 18.11
N GLN D 69 24.67 -12.78 18.59
CA GLN D 69 24.92 -11.40 18.99
C GLN D 69 26.24 -10.93 18.41
N ARG D 70 26.35 -9.62 18.26
CA ARG D 70 27.54 -9.02 17.66
C ARG D 70 28.70 -9.06 18.65
N VAL D 71 29.81 -9.65 18.22
CA VAL D 71 31.03 -9.72 19.03
C VAL D 71 32.22 -9.30 18.19
N GLU D 72 32.66 -8.06 18.33
CA GLU D 72 33.80 -7.54 17.60
C GLU D 72 34.94 -7.23 18.57
N ARG D 73 36.17 -7.35 18.07
CA ARG D 73 37.33 -7.13 18.92
C ARG D 73 37.45 -5.66 19.31
N LEU D 74 38.06 -5.42 20.46
CA LEU D 74 38.12 -4.06 21.02
C LEU D 74 38.96 -3.12 20.17
N GLY D 75 39.90 -3.65 19.37
CA GLY D 75 40.71 -2.78 18.54
C GLY D 75 39.90 -2.04 17.50
N SER D 76 38.95 -2.74 16.86
CA SER D 76 38.17 -2.14 15.78
C SER D 76 37.01 -1.28 16.28
N LEU D 77 36.73 -1.27 17.58
CA LEU D 77 35.59 -0.55 18.11
C LEU D 77 36.01 0.88 18.47
N VAL D 78 35.44 1.86 17.77
CA VAL D 78 35.66 3.26 18.11
C VAL D 78 34.82 3.60 19.33
N ALA D 79 35.46 4.20 20.33
CA ALA D 79 34.79 4.47 21.61
C ALA D 79 34.01 5.77 21.51
N ALA D 80 32.78 5.65 21.01
CA ALA D 80 31.90 6.81 20.87
C ALA D 80 31.41 7.29 22.21
N GLU D 81 30.67 8.39 22.23
CA GLU D 81 30.12 8.93 23.47
C GLU D 81 28.91 9.81 23.19
N TRP D 82 27.72 9.31 23.49
CA TRP D 82 26.50 10.07 23.22
C TRP D 82 26.39 11.25 24.18
N ARG D 83 26.05 12.41 23.65
CA ARG D 83 25.80 13.61 24.44
C ARG D 83 24.30 13.87 24.50
N PRO D 84 23.67 13.76 25.66
CA PRO D 84 22.21 13.94 25.73
C PRO D 84 21.75 15.32 25.31
N GLU D 85 22.26 16.36 25.97
CA GLU D 85 21.76 17.71 25.71
C GLU D 85 22.14 18.19 24.31
N GLU D 86 23.41 17.99 23.93
CA GLU D 86 23.90 18.54 22.68
C GLU D 86 23.18 17.93 21.48
N GLY D 87 22.95 16.62 21.50
CA GLY D 87 22.27 15.95 20.43
C GLY D 87 23.16 15.27 19.41
N PHE D 88 24.46 15.19 19.65
CA PHE D 88 25.36 14.51 18.74
C PHE D 88 26.12 13.44 19.51
N VAL D 89 26.97 12.71 18.79
CA VAL D 89 27.58 11.48 19.28
C VAL D 89 29.10 11.57 19.21
N GLU D 90 29.65 12.73 19.59
CA GLU D 90 31.08 13.00 19.51
C GLU D 90 31.95 11.80 19.86
N LEU D 91 32.82 11.39 18.93
CA LEU D 91 33.66 10.23 19.14
C LEU D 91 34.80 10.58 20.09
N LYS D 92 35.51 9.54 20.53
CA LYS D 92 36.70 9.69 21.35
C LYS D 92 37.96 9.14 20.73
N SER D 93 37.87 8.35 19.67
CA SER D 93 38.99 7.85 18.90
C SER D 93 38.82 8.24 17.44
N PRO D 94 39.91 8.32 16.68
CA PRO D 94 39.78 8.66 15.25
C PRO D 94 38.87 7.67 14.53
N ALA D 95 38.04 8.21 13.64
CA ALA D 95 37.02 7.43 12.97
C ALA D 95 37.62 6.62 11.81
N GLY D 96 36.94 5.53 11.49
CA GLY D 96 37.39 4.62 10.46
C GLY D 96 36.89 4.98 9.08
N LYS D 97 36.70 3.96 8.26
CA LYS D 97 36.27 4.17 6.87
C LYS D 97 34.94 4.92 6.80
N PHE D 98 34.03 4.64 7.73
CA PHE D 98 32.71 5.27 7.70
C PHE D 98 32.78 6.79 7.78
N TRP D 99 33.96 7.37 7.99
CA TRP D 99 34.13 8.80 8.04
C TRP D 99 34.20 9.44 6.66
N GLN D 100 34.29 8.65 5.59
CA GLN D 100 34.24 9.24 4.27
C GLN D 100 32.86 9.82 3.97
N THR D 101 31.80 9.23 4.52
CA THR D 101 30.44 9.58 4.15
C THR D 101 29.52 9.90 5.32
N MET D 102 29.94 9.66 6.56
CA MET D 102 29.07 9.85 7.71
C MET D 102 29.63 10.91 8.65
N GLY D 103 28.73 11.59 9.35
CA GLY D 103 29.11 12.50 10.41
C GLY D 103 29.78 13.76 9.95
N PHE D 104 29.77 14.79 10.80
CA PHE D 104 30.42 16.04 10.49
C PHE D 104 31.58 16.26 11.46
N SER D 105 32.31 17.36 11.31
CA SER D 105 33.37 17.71 12.22
C SER D 105 33.09 19.11 12.74
N GLU D 106 33.40 19.33 14.02
CA GLU D 106 33.09 20.61 14.63
C GLU D 106 34.02 20.81 15.81
N GLN D 107 34.57 22.03 15.94
CA GLN D 107 35.52 22.35 16.99
C GLN D 107 36.69 21.38 17.00
N GLY D 108 37.10 20.94 15.82
CA GLY D 108 38.18 19.98 15.69
C GLY D 108 37.87 18.64 16.30
N ARG D 109 36.62 18.22 16.28
CA ARG D 109 36.21 16.94 16.86
C ARG D 109 35.16 16.30 15.97
N GLN D 110 35.32 15.01 15.73
CA GLN D 110 34.35 14.27 14.94
C GLN D 110 33.06 14.09 15.71
N ARG D 111 31.93 14.26 15.04
CA ARG D 111 30.63 14.16 15.69
C ARG D 111 29.59 13.58 14.73
N LEU D 112 28.73 12.70 15.24
CA LEU D 112 27.74 12.02 14.41
C LEU D 112 26.34 12.37 14.85
N HIS D 113 25.43 12.35 13.90
CA HIS D 113 24.01 12.55 14.17
C HIS D 113 23.42 11.31 14.84
N PRO D 114 22.31 11.46 15.56
CA PRO D 114 21.69 10.30 16.23
C PRO D 114 21.49 9.08 15.34
N GLU D 115 20.86 9.26 14.18
CA GLU D 115 20.57 8.10 13.35
C GLU D 115 21.84 7.45 12.81
N GLU D 116 22.85 8.25 12.48
CA GLU D 116 24.10 7.70 11.98
C GLU D 116 24.78 6.85 13.04
N ALA D 117 24.88 7.37 14.26
CA ALA D 117 25.50 6.60 15.32
C ALA D 117 24.71 5.35 15.67
N LEU D 118 23.38 5.44 15.65
CA LEU D 118 22.58 4.26 15.94
C LEU D 118 22.77 3.20 14.87
N TYR D 119 22.80 3.59 13.60
CA TYR D 119 23.07 2.64 12.53
C TYR D 119 24.45 2.00 12.69
N LEU D 120 25.45 2.81 13.05
CA LEU D 120 26.79 2.27 13.22
C LEU D 120 26.84 1.29 14.40
N LEU D 121 26.22 1.65 15.51
CA LEU D 121 26.20 0.76 16.67
C LEU D 121 25.51 -0.55 16.35
N GLU D 122 24.39 -0.48 15.62
CA GLU D 122 23.74 -1.70 15.15
C GLU D 122 24.64 -2.48 14.21
N CYS D 123 25.46 -1.78 13.43
CA CYS D 123 26.42 -2.42 12.53
C CYS D 123 27.68 -2.88 13.25
N GLY D 124 27.92 -2.41 14.47
CA GLY D 124 29.11 -2.79 15.20
C GLY D 124 30.35 -2.00 14.86
N SER D 125 30.24 -0.95 14.04
CA SER D 125 31.42 -0.15 13.71
C SER D 125 31.96 0.57 14.94
N ILE D 126 31.08 1.14 15.75
CA ILE D 126 31.50 1.90 16.92
C ILE D 126 31.04 1.20 18.19
N HIS D 127 31.41 1.75 19.35
CA HIS D 127 31.03 1.19 20.64
C HIS D 127 30.45 2.30 21.50
N LEU D 128 29.15 2.54 21.38
CA LEU D 128 28.54 3.71 21.97
C LEU D 128 28.48 3.60 23.49
N PHE D 129 28.96 4.63 24.17
CA PHE D 129 28.84 4.72 25.62
C PHE D 129 27.70 5.65 26.00
N HIS D 130 27.47 5.80 27.30
CA HIS D 130 26.59 6.83 27.83
C HIS D 130 26.79 6.94 29.33
N GLN D 131 27.07 8.15 29.82
CA GLN D 131 27.43 8.37 31.22
C GLN D 131 28.41 7.31 31.71
N ASP D 132 29.40 7.00 30.88
CA ASP D 132 30.45 6.01 31.15
C ASP D 132 29.90 4.60 31.31
N LEU D 133 28.70 4.34 30.82
CA LEU D 133 28.10 3.00 30.87
C LEU D 133 27.80 2.53 29.45
N PRO D 134 28.42 1.46 28.97
CA PRO D 134 28.17 1.02 27.60
C PRO D 134 26.71 0.68 27.39
N LEU D 135 26.21 0.98 26.19
CA LEU D 135 24.79 0.84 25.89
C LEU D 135 24.54 -0.43 25.09
N SER D 136 23.57 -1.22 25.53
CA SER D 136 23.03 -2.29 24.72
C SER D 136 22.10 -1.70 23.67
N ILE D 137 22.03 -2.35 22.51
CA ILE D 137 21.29 -1.82 21.36
C ILE D 137 19.87 -1.46 21.75
N GLN D 138 19.28 -2.20 22.68
CA GLN D 138 17.94 -1.86 23.17
C GLN D 138 17.92 -0.48 23.82
N GLU D 139 18.91 -0.19 24.68
CA GLU D 139 19.00 1.13 25.28
C GLU D 139 19.26 2.21 24.25
N ALA D 140 20.05 1.91 23.22
CA ALA D 140 20.28 2.87 22.15
C ALA D 140 18.98 3.20 21.41
N TYR D 141 18.18 2.17 21.11
CA TYR D 141 16.89 2.40 20.48
C TYR D 141 15.98 3.25 21.36
N GLN D 142 15.96 2.97 22.66
CA GLN D 142 15.13 3.77 23.56
C GLN D 142 15.64 5.21 23.70
N LEU D 143 16.95 5.42 23.58
CA LEU D 143 17.55 6.70 23.92
C LEU D 143 17.71 7.65 22.74
N LEU D 144 18.07 7.16 21.56
CA LEU D 144 18.32 8.04 20.42
C LEU D 144 17.05 8.39 19.66
N LEU D 145 16.20 7.41 19.41
CA LEU D 145 14.99 7.64 18.61
C LEU D 145 13.93 8.32 19.47
N THR D 146 13.52 9.51 19.04
CA THR D 146 12.51 10.29 19.74
C THR D 146 12.03 11.40 18.82
N ASP D 147 11.02 12.14 19.28
CA ASP D 147 10.57 13.31 18.54
C ASP D 147 11.61 14.43 18.55
N HIS D 148 12.47 14.48 19.57
CA HIS D 148 13.51 15.49 19.62
C HIS D 148 14.56 15.26 18.54
N THR D 149 14.63 14.05 17.99
CA THR D 149 15.66 13.65 17.04
C THR D 149 15.04 12.84 15.93
N VAL D 150 15.86 12.10 15.19
CA VAL D 150 15.36 11.19 14.17
C VAL D 150 14.34 10.24 14.79
N THR D 151 13.22 10.06 14.11
CA THR D 151 12.15 9.19 14.57
C THR D 151 12.38 7.77 14.09
N PHE D 152 11.50 6.86 14.51
CA PHE D 152 11.69 5.45 14.19
C PHE D 152 11.58 5.18 12.70
N LEU D 153 10.58 5.78 12.03
CA LEU D 153 10.43 5.56 10.59
C LEU D 153 11.61 6.12 9.81
N GLN D 154 12.05 7.33 10.16
CA GLN D 154 13.17 7.95 9.48
C GLN D 154 14.43 7.10 9.65
N TYR D 155 14.67 6.60 10.87
CA TYR D 155 15.81 5.73 11.09
C TYR D 155 15.69 4.43 10.32
N GLN D 156 14.49 3.85 10.22
CA GLN D 156 14.32 2.62 9.46
C GLN D 156 14.66 2.84 8.00
N VAL D 157 14.17 3.93 7.41
CA VAL D 157 14.49 4.23 6.02
C VAL D 157 15.99 4.47 5.86
N PHE D 158 16.58 5.20 6.80
CA PHE D 158 18.00 5.48 6.77
C PHE D 158 18.83 4.21 6.76
N SER D 159 18.56 3.31 7.71
CA SER D 159 19.32 2.07 7.78
C SER D 159 19.06 1.19 6.58
N HIS D 160 17.82 1.14 6.10
CA HIS D 160 17.52 0.33 4.92
C HIS D 160 18.31 0.80 3.71
N LEU D 161 18.44 2.12 3.53
CA LEU D 161 19.21 2.62 2.41
C LEU D 161 20.70 2.47 2.63
N LYS D 162 21.17 2.64 3.87
CA LYS D 162 22.60 2.53 4.14
C LYS D 162 23.09 1.10 3.96
N ARG D 163 22.27 0.10 4.27
CA ARG D 163 22.71 -1.28 4.16
C ARG D 163 22.88 -1.69 2.70
N LEU D 164 22.43 -0.85 1.78
CA LEU D 164 22.58 -1.11 0.35
C LEU D 164 23.75 -0.38 -0.28
N GLY D 165 24.32 0.61 0.40
CA GLY D 165 25.47 1.32 -0.14
C GLY D 165 25.21 2.79 -0.38
N TYR D 166 23.99 3.24 -0.11
CA TYR D 166 23.64 4.63 -0.35
C TYR D 166 24.35 5.53 0.65
N VAL D 167 24.39 6.81 0.32
CA VAL D 167 25.20 7.80 1.04
C VAL D 167 24.28 8.80 1.71
N VAL D 168 23.17 8.31 2.25
CA VAL D 168 22.11 9.15 2.79
C VAL D 168 22.69 10.23 3.70
N ARG D 169 22.50 11.48 3.32
CA ARG D 169 22.86 12.63 4.13
C ARG D 169 21.61 13.17 4.79
N ARG D 170 21.74 14.33 5.44
CA ARG D 170 20.60 15.01 6.04
C ARG D 170 20.34 16.29 5.26
N PHE D 171 19.10 16.47 4.83
CA PHE D 171 18.75 17.58 3.94
C PHE D 171 18.72 18.89 4.70
N GLN D 172 19.36 19.91 4.13
CA GLN D 172 19.31 21.27 4.64
C GLN D 172 18.93 22.24 3.53
N PRO D 173 17.98 23.14 3.79
CA PRO D 173 17.54 24.15 2.80
C PRO D 173 18.67 25.05 2.32
N VAL D 426 -9.37 24.49 -26.20
CA VAL D 426 -8.06 23.85 -26.04
C VAL D 426 -7.47 24.22 -24.69
N LEU D 427 -6.93 23.21 -23.99
CA LEU D 427 -6.41 23.40 -22.64
C LEU D 427 -4.95 23.85 -22.67
N GLN D 428 -4.30 23.82 -21.51
CA GLN D 428 -2.91 24.25 -21.40
C GLN D 428 -2.12 23.11 -20.74
N THR D 429 -0.86 23.40 -20.39
CA THR D 429 0.00 22.39 -19.78
C THR D 429 1.02 23.02 -18.83
N THR D 430 0.80 22.89 -17.53
CA THR D 430 1.72 23.43 -16.54
C THR D 430 2.81 22.41 -16.18
N HIS D 431 3.60 22.71 -15.16
CA HIS D 431 4.65 21.83 -14.68
C HIS D 431 4.73 21.91 -13.17
N LEU D 432 5.27 20.85 -12.56
CA LEU D 432 5.32 20.78 -11.10
C LEU D 432 6.10 21.91 -10.46
N PRO D 433 7.30 22.28 -10.91
CA PRO D 433 8.01 23.42 -10.29
C PRO D 433 7.39 24.78 -10.60
N ASP D 434 6.34 24.84 -11.43
CA ASP D 434 5.72 26.12 -11.79
C ASP D 434 4.87 26.59 -10.62
N GLY D 435 5.50 27.36 -9.75
CA GLY D 435 4.81 27.93 -8.60
C GLY D 435 5.26 27.34 -7.28
N GLY D 436 6.12 28.05 -6.56
CA GLY D 436 6.60 27.59 -5.28
C GLY D 436 6.86 28.72 -4.32
N ALA D 437 6.44 29.94 -4.67
CA ALA D 437 6.58 31.11 -3.81
C ALA D 437 5.31 31.40 -3.03
N ARG D 438 4.18 31.55 -3.73
CA ARG D 438 2.90 31.68 -3.03
C ARG D 438 2.52 30.39 -2.33
N LEU D 439 3.10 29.26 -2.75
CA LEU D 439 2.79 27.97 -2.17
C LEU D 439 3.71 27.58 -1.02
N LEU D 440 4.86 28.22 -0.90
CA LEU D 440 5.80 27.91 0.18
C LEU D 440 5.30 28.38 1.54
N GLU D 441 4.52 29.45 1.59
CA GLU D 441 3.99 29.93 2.86
C GLU D 441 3.08 28.89 3.50
N LYS D 442 2.25 28.23 2.69
CA LYS D 442 1.37 27.16 3.18
C LYS D 442 2.22 25.90 3.34
N SER D 443 2.69 25.68 4.56
CA SER D 443 3.52 24.53 4.88
C SER D 443 2.89 23.75 6.04
N GLY D 444 3.49 22.61 6.35
CA GLY D 444 2.97 21.76 7.40
C GLY D 444 2.54 20.40 6.89
N GLY D 445 3.30 19.37 7.21
CA GLY D 445 3.03 18.04 6.71
C GLY D 445 4.29 17.33 6.25
N LEU D 446 4.29 16.86 5.00
CA LEU D 446 5.46 16.20 4.46
C LEU D 446 6.60 17.19 4.26
N GLU D 447 7.80 16.76 4.63
CA GLU D 447 9.00 17.58 4.49
C GLU D 447 10.16 16.67 4.11
N ILE D 448 11.04 17.19 3.25
CA ILE D 448 12.21 16.42 2.84
C ILE D 448 13.15 16.25 4.02
N ILE D 449 13.77 15.07 4.11
CA ILE D 449 14.63 14.76 5.25
C ILE D 449 16.04 14.39 4.79
N PHE D 450 16.14 13.52 3.79
CA PHE D 450 17.40 12.91 3.42
C PHE D 450 17.82 13.26 2.00
N ASP D 451 19.10 13.53 1.82
CA ASP D 451 19.71 13.76 0.51
C ASP D 451 20.38 12.50 -0.03
N VAL D 452 19.59 11.48 -0.34
CA VAL D 452 20.12 10.19 -0.75
C VAL D 452 21.00 10.31 -1.99
N TYR D 453 22.26 9.91 -1.88
CA TYR D 453 23.15 9.78 -3.03
C TYR D 453 23.10 8.34 -3.54
N GLN D 454 24.04 7.96 -4.39
CA GLN D 454 24.04 6.62 -4.95
C GLN D 454 25.28 5.86 -4.48
N ALA D 455 25.22 4.54 -4.63
CA ALA D 455 26.30 3.69 -4.13
C ALA D 455 27.60 3.94 -4.87
N ASP D 456 27.55 4.22 -6.18
CA ASP D 456 28.78 4.40 -6.93
C ASP D 456 29.52 5.66 -6.48
N ALA D 457 28.83 6.61 -5.86
CA ALA D 457 29.44 7.84 -5.39
C ALA D 457 30.14 7.69 -4.04
N VAL D 458 30.14 6.48 -3.46
CA VAL D 458 30.84 6.26 -2.19
C VAL D 458 32.34 6.39 -2.38
N ALA D 459 32.87 5.96 -3.52
CA ALA D 459 34.31 5.86 -3.71
C ALA D 459 34.99 7.22 -3.52
N THR D 460 34.43 8.27 -4.09
CA THR D 460 35.05 9.58 -4.05
C THR D 460 34.13 10.63 -3.45
N PHE D 461 33.36 10.26 -2.43
CA PHE D 461 32.44 11.21 -1.83
C PHE D 461 33.19 12.28 -1.05
N ARG D 462 32.74 13.52 -1.20
CA ARG D 462 33.29 14.67 -0.49
C ARG D 462 32.16 15.25 0.36
N LYS D 463 32.27 15.10 1.68
CA LYS D 463 31.23 15.59 2.56
C LYS D 463 31.22 17.12 2.64
N ASN D 464 32.12 17.77 1.90
CA ASN D 464 32.16 19.23 1.83
C ASN D 464 31.43 19.80 0.63
N ASN D 465 31.72 19.33 -0.58
CA ASN D 465 31.02 19.75 -1.80
C ASN D 465 30.59 18.51 -2.56
N PRO D 466 29.51 17.86 -2.13
CA PRO D 466 29.13 16.55 -2.69
C PRO D 466 28.35 16.59 -3.99
N GLY D 467 27.94 17.75 -4.47
CA GLY D 467 27.16 17.84 -5.69
C GLY D 467 25.68 17.60 -5.45
N LYS D 468 24.94 17.57 -6.56
CA LYS D 468 23.51 17.38 -6.50
C LYS D 468 23.16 15.96 -6.05
N PRO D 469 22.33 15.80 -5.02
CA PRO D 469 21.98 14.45 -4.57
C PRO D 469 21.18 13.70 -5.63
N TYR D 470 21.31 12.37 -5.61
CA TYR D 470 20.57 11.56 -6.57
C TYR D 470 19.07 11.69 -6.37
N ALA D 471 18.59 11.69 -5.13
CA ALA D 471 17.17 11.76 -4.84
C ALA D 471 16.97 12.68 -3.65
N ARG D 472 15.75 12.70 -3.12
CA ARG D 472 15.46 13.45 -1.90
C ARG D 472 14.28 12.83 -1.17
N MET D 473 14.57 12.07 -0.12
CA MET D 473 13.58 11.18 0.47
C MET D 473 12.65 11.94 1.41
N CYS D 474 11.35 11.67 1.28
CA CYS D 474 10.35 12.10 2.26
C CYS D 474 9.81 10.87 2.95
N ILE D 475 9.93 10.81 4.26
CA ILE D 475 9.55 9.63 5.01
C ILE D 475 8.16 9.86 5.62
N SER D 476 7.29 8.87 5.47
CA SER D 476 5.93 8.97 5.98
C SER D 476 5.38 7.56 6.16
N GLY D 477 4.47 7.42 7.11
CA GLY D 477 3.85 6.15 7.35
C GLY D 477 2.88 5.77 6.24
N PHE D 478 2.52 4.49 6.22
CA PHE D 478 1.59 3.96 5.23
C PHE D 478 0.14 4.29 5.54
N ASP D 479 -0.16 4.70 6.77
CA ASP D 479 -1.50 5.11 7.15
C ASP D 479 -1.70 6.61 7.03
N GLU D 480 -0.66 7.36 6.69
CA GLU D 480 -0.77 8.79 6.53
C GLU D 480 -1.50 9.13 5.24
N PRO D 481 -2.19 10.27 5.22
CA PRO D 481 -2.88 10.68 3.99
C PRO D 481 -1.90 10.90 2.85
N VAL D 482 -2.32 10.55 1.64
CA VAL D 482 -1.52 10.76 0.44
C VAL D 482 -1.47 12.26 0.17
N PRO D 483 -0.31 12.82 -0.15
CA PRO D 483 -0.23 14.27 -0.38
C PRO D 483 -1.02 14.68 -1.61
N ASP D 484 -1.62 15.87 -1.53
CA ASP D 484 -2.35 16.44 -2.64
C ASP D 484 -1.39 17.10 -3.63
N LEU D 485 -1.95 17.69 -4.69
CA LEU D 485 -1.13 18.39 -5.66
C LEU D 485 -0.42 19.60 -5.05
N CYS D 486 -1.03 20.25 -4.06
CA CYS D 486 -0.41 21.40 -3.43
C CYS D 486 0.85 21.00 -2.67
N SER D 487 0.74 19.99 -1.81
CA SER D 487 1.90 19.55 -1.03
C SER D 487 2.97 18.97 -1.93
N LEU D 488 2.58 18.17 -2.92
CA LEU D 488 3.54 17.61 -3.87
C LEU D 488 4.24 18.70 -4.68
N LYS D 489 3.52 19.72 -5.12
CA LYS D 489 4.12 20.82 -5.85
C LYS D 489 5.09 21.60 -4.97
N ARG D 490 4.72 21.86 -3.72
CA ARG D 490 5.63 22.54 -2.81
C ARG D 490 6.91 21.73 -2.60
N LEU D 491 6.76 20.42 -2.37
CA LEU D 491 7.93 19.58 -2.15
C LEU D 491 8.80 19.50 -3.38
N SER D 492 8.23 19.39 -4.57
CA SER D 492 9.01 19.33 -5.79
C SER D 492 9.59 20.69 -6.19
N TYR D 493 9.10 21.77 -5.60
CA TYR D 493 9.77 23.05 -5.73
C TYR D 493 10.95 23.18 -4.78
N GLN D 494 10.80 22.72 -3.53
CA GLN D 494 11.91 22.71 -2.60
C GLN D 494 13.02 21.78 -3.08
N SER D 495 12.66 20.61 -3.61
CA SER D 495 13.66 19.65 -4.07
C SER D 495 14.46 20.16 -5.25
N GLY D 496 13.96 21.16 -5.97
CA GLY D 496 14.68 21.65 -7.13
C GLY D 496 14.73 20.63 -8.24
N ASP D 497 15.84 20.64 -8.98
CA ASP D 497 16.01 19.70 -10.08
C ASP D 497 16.10 18.27 -9.57
N VAL D 498 16.55 18.08 -8.34
CA VAL D 498 16.73 16.75 -7.75
C VAL D 498 15.37 16.04 -7.66
N PRO D 499 15.25 14.82 -8.16
CA PRO D 499 13.97 14.11 -8.07
C PRO D 499 13.58 13.86 -6.62
N LEU D 500 12.27 13.87 -6.38
CA LEU D 500 11.72 13.60 -5.07
C LEU D 500 11.24 12.15 -5.00
N ILE D 501 11.37 11.56 -3.81
CA ILE D 501 10.92 10.19 -3.58
C ILE D 501 10.27 10.13 -2.21
N PHE D 502 9.11 9.48 -2.13
CA PHE D 502 8.38 9.30 -0.90
C PHE D 502 8.63 7.89 -0.36
N ALA D 503 9.11 7.81 0.88
CA ALA D 503 9.33 6.53 1.54
C ALA D 503 8.16 6.23 2.46
N LEU D 504 7.62 5.03 2.34
CA LEU D 504 6.47 4.59 3.11
C LEU D 504 6.87 3.40 3.96
N VAL D 505 6.50 3.43 5.24
CA VAL D 505 6.77 2.35 6.16
C VAL D 505 5.45 1.82 6.70
N ASP D 506 5.24 0.51 6.57
CA ASP D 506 4.10 -0.16 7.20
C ASP D 506 4.68 -1.28 8.08
N HIS D 507 4.75 -1.02 9.38
CA HIS D 507 5.09 -2.02 10.38
C HIS D 507 6.33 -2.82 9.98
N GLY D 508 7.38 -2.09 9.64
CA GLY D 508 8.66 -2.69 9.34
C GLY D 508 8.92 -3.02 7.88
N ASP D 509 7.97 -2.74 6.98
CA ASP D 509 8.18 -2.95 5.56
C ASP D 509 8.23 -1.61 4.86
N ILE D 510 9.18 -1.44 3.94
CA ILE D 510 9.47 -0.14 3.35
C ILE D 510 9.25 -0.20 1.85
N SER D 511 8.51 0.79 1.33
CA SER D 511 8.27 0.96 -0.10
C SER D 511 8.64 2.38 -0.48
N PHE D 512 8.86 2.60 -1.78
CA PHE D 512 9.25 3.91 -2.28
C PHE D 512 8.44 4.23 -3.53
N TYR D 513 7.96 5.47 -3.63
CA TYR D 513 7.21 5.91 -4.80
C TYR D 513 7.64 7.32 -5.20
N SER D 514 7.79 7.53 -6.50
CA SER D 514 8.24 8.82 -7.03
C SER D 514 7.16 9.45 -7.89
N PHE D 515 6.89 10.73 -7.64
CA PHE D 515 5.89 11.50 -8.38
C PHE D 515 6.63 12.44 -9.32
N ARG D 516 6.93 11.95 -10.51
CA ARG D 516 7.66 12.77 -11.47
C ARG D 516 6.70 13.52 -12.39
N ASP D 517 7.20 14.61 -12.95
CA ASP D 517 6.45 15.36 -13.95
C ASP D 517 6.45 14.60 -15.27
N PHE D 518 5.50 14.94 -16.14
CA PHE D 518 5.38 14.24 -17.41
C PHE D 518 4.75 15.17 -18.44
N THR D 519 5.07 14.90 -19.70
CA THR D 519 4.49 15.61 -20.83
C THR D 519 4.16 14.60 -21.91
N LEU D 520 2.98 14.74 -22.50
CA LEU D 520 2.51 13.77 -23.48
C LEU D 520 3.23 13.98 -24.81
N PRO D 521 3.88 12.96 -25.35
CA PRO D 521 4.41 13.06 -26.71
C PRO D 521 3.30 13.29 -27.71
N GLN D 522 3.61 14.11 -28.73
CA GLN D 522 2.64 14.46 -29.76
C GLN D 522 2.58 13.31 -30.76
N ASP D 523 1.56 12.47 -30.61
CA ASP D 523 1.35 11.35 -31.51
C ASP D 523 1.01 11.84 -32.92
MG MG F . 39.01 -3.70 -7.90
MG MG G . 34.65 -2.05 -3.97
#